data_3GQQ
#
_entry.id   3GQQ
#
_cell.length_a   77.888
_cell.length_b   79.560
_cell.length_c   189.717
_cell.angle_alpha   90.00
_cell.angle_beta   90.00
_cell.angle_gamma   90.00
#
_symmetry.space_group_name_H-M   'P 21 21 21'
#
loop_
_entity.id
_entity.type
_entity.pdbx_description
1 polymer 'Protein unc-119 homolog A'
2 non-polymer 'UNKNOWN LIGAND'
3 water water
#
_entity_poly.entity_id   1
_entity_poly.type   'polypeptide(L)'
_entity_poly.pdbx_seq_one_letter_code
;(MSE)GHHHHHHSHRKQPIGPEDVLGLQRITGDYLCSPEENIYKIDFVRFKIRD(MSE)DSGTVLFEIKKPPVSERLPIN
RRDLDPNAGRFVRYQFTPAFLRLRQVGATVEFTVGDKPVNNFR(MSE)IERHYFRNQLLKSFDFHFGFCIPSSKNTCEHI
YDFPPLSEELISE(MSE)IRHPYETQSDSFYFVDDRLV(MSE)HNKADYSYSGTP
;
_entity_poly.pdbx_strand_id   A,B,C,D,E,F
#
loop_
_chem_comp.id
_chem_comp.type
_chem_comp.name
_chem_comp.formula
UNL non-polymer 'UNKNOWN LIGAND' ?
#
# COMPACT_ATOMS: atom_id res chain seq x y z
N LYS A 12 26.48 -26.78 -2.81
CA LYS A 12 25.26 -25.95 -2.62
C LYS A 12 24.31 -26.11 -3.81
N GLN A 13 23.09 -26.55 -3.54
CA GLN A 13 22.09 -26.79 -4.57
C GLN A 13 21.62 -25.53 -5.29
N PRO A 14 21.21 -25.67 -6.56
CA PRO A 14 20.74 -24.55 -7.40
C PRO A 14 19.44 -23.96 -6.89
N ILE A 15 19.29 -22.64 -7.05
CA ILE A 15 18.11 -21.94 -6.58
C ILE A 15 17.43 -21.14 -7.69
N GLY A 16 16.11 -21.20 -7.73
CA GLY A 16 15.37 -20.43 -8.73
C GLY A 16 14.50 -19.43 -7.99
N PRO A 17 13.85 -18.50 -8.71
CA PRO A 17 12.99 -17.48 -8.10
C PRO A 17 11.92 -18.07 -7.19
N GLU A 18 11.33 -19.19 -7.59
CA GLU A 18 10.29 -19.83 -6.80
C GLU A 18 10.77 -20.32 -5.45
N ASP A 19 12.07 -20.47 -5.30
CA ASP A 19 12.64 -20.93 -4.03
C ASP A 19 12.78 -19.80 -3.02
N VAL A 20 12.63 -18.56 -3.45
CA VAL A 20 12.76 -17.44 -2.51
C VAL A 20 11.50 -16.57 -2.40
N LEU A 21 10.67 -16.58 -3.45
CA LEU A 21 9.46 -15.76 -3.47
C LEU A 21 8.46 -16.02 -2.35
N GLY A 22 8.63 -17.14 -1.65
CA GLY A 22 7.71 -17.47 -0.56
C GLY A 22 8.37 -17.55 0.81
N LEU A 23 9.65 -17.19 0.90
CA LEU A 23 10.36 -17.25 2.18
C LEU A 23 9.72 -16.35 3.23
N GLN A 24 9.66 -16.83 4.47
CA GLN A 24 9.04 -16.05 5.53
C GLN A 24 10.03 -15.62 6.60
N ARG A 25 11.30 -15.95 6.41
CA ARG A 25 12.35 -15.56 7.36
C ARG A 25 13.64 -15.32 6.60
N ILE A 26 14.52 -14.50 7.17
CA ILE A 26 15.81 -14.24 6.56
C ILE A 26 16.54 -15.61 6.52
N THR A 27 17.33 -15.86 5.48
CA THR A 27 18.05 -17.13 5.37
C THR A 27 19.17 -17.23 6.43
N GLY A 28 19.46 -18.46 6.86
CA GLY A 28 20.49 -18.66 7.86
C GLY A 28 21.92 -18.52 7.36
N ASP A 29 22.08 -18.60 6.04
CA ASP A 29 23.41 -18.48 5.43
C ASP A 29 23.20 -18.04 3.98
N TYR A 30 24.28 -17.70 3.29
CA TYR A 30 24.17 -17.31 1.89
C TYR A 30 23.74 -18.53 1.08
N LEU A 31 22.89 -18.32 0.07
CA LEU A 31 22.38 -19.42 -0.76
C LEU A 31 23.27 -19.81 -1.94
N CYS A 32 24.32 -19.03 -2.17
CA CYS A 32 25.25 -19.34 -3.25
C CYS A 32 26.61 -18.79 -2.86
N SER A 33 27.66 -19.27 -3.51
CA SER A 33 29.01 -18.79 -3.20
C SER A 33 29.36 -17.71 -4.20
N PRO A 34 30.40 -16.91 -3.90
CA PRO A 34 30.86 -15.82 -4.77
C PRO A 34 31.21 -16.33 -6.17
N GLU A 35 31.76 -17.55 -6.24
CA GLU A 35 32.17 -18.14 -7.50
C GLU A 35 31.01 -18.35 -8.47
N GLU A 36 29.79 -18.43 -7.94
CA GLU A 36 28.64 -18.65 -8.80
C GLU A 36 28.25 -17.43 -9.62
N ASN A 37 28.91 -16.31 -9.34
CA ASN A 37 28.68 -15.05 -10.09
C ASN A 37 29.57 -15.15 -11.34
N ILE A 38 29.23 -16.08 -12.22
CA ILE A 38 30.00 -16.32 -13.44
C ILE A 38 29.88 -15.21 -14.49
N TYR A 39 28.91 -14.32 -14.32
CA TYR A 39 28.72 -13.22 -15.26
C TYR A 39 29.54 -11.99 -14.86
N LYS A 40 30.24 -12.11 -13.73
CA LYS A 40 31.07 -11.03 -13.23
C LYS A 40 30.29 -9.72 -13.10
N ILE A 41 29.15 -9.80 -12.43
CA ILE A 41 28.32 -8.62 -12.20
C ILE A 41 28.87 -7.97 -10.93
N ASP A 42 29.24 -6.69 -11.05
CA ASP A 42 29.82 -5.97 -9.93
C ASP A 42 29.14 -4.62 -9.76
N PHE A 43 28.44 -4.44 -8.65
CA PHE A 43 27.77 -3.17 -8.41
C PHE A 43 28.78 -2.13 -7.95
N VAL A 44 28.82 -0.99 -8.63
CA VAL A 44 29.80 0.04 -8.31
C VAL A 44 29.21 1.36 -7.79
N ARG A 45 27.89 1.48 -7.80
CA ARG A 45 27.25 2.69 -7.30
C ARG A 45 25.80 2.43 -6.93
N PHE A 46 25.37 3.03 -5.81
CA PHE A 46 24.01 2.87 -5.31
C PHE A 46 23.56 4.19 -4.70
N LYS A 47 22.46 4.72 -5.22
CA LYS A 47 21.90 5.99 -4.75
C LYS A 47 20.39 5.90 -4.61
N ILE A 48 19.85 6.41 -3.51
CA ILE A 48 18.41 6.41 -3.34
C ILE A 48 17.89 7.81 -3.09
N ARG A 49 16.82 8.13 -3.80
CA ARG A 49 16.19 9.44 -3.75
C ARG A 49 14.74 9.31 -3.29
N ASP A 50 14.32 10.19 -2.39
CA ASP A 50 12.94 10.22 -1.92
C ASP A 50 12.17 10.85 -3.08
N MSE A 51 11.20 10.13 -3.64
CA MSE A 51 10.46 10.67 -4.79
C MSE A 51 9.51 11.82 -4.43
O MSE A 51 9.05 12.53 -5.32
CB MSE A 51 9.71 9.54 -5.50
CG MSE A 51 10.64 8.45 -6.04
SE MSE A 51 12.00 9.17 -7.24
CE MSE A 51 13.59 8.78 -6.26
N ASP A 52 9.23 12.01 -3.15
CA ASP A 52 8.36 13.11 -2.75
C ASP A 52 9.09 14.38 -2.33
N SER A 53 10.41 14.31 -2.15
CA SER A 53 11.15 15.50 -1.74
C SER A 53 12.39 15.75 -2.59
N GLY A 54 12.82 14.72 -3.33
CA GLY A 54 14.01 14.86 -4.15
C GLY A 54 15.27 14.72 -3.31
N THR A 55 15.09 14.48 -2.02
CA THR A 55 16.24 14.32 -1.13
C THR A 55 17.00 13.03 -1.41
N VAL A 56 18.32 13.14 -1.51
CA VAL A 56 19.15 11.95 -1.71
C VAL A 56 19.36 11.39 -0.31
N LEU A 57 18.74 10.25 -0.04
CA LEU A 57 18.79 9.61 1.27
C LEU A 57 20.09 8.87 1.56
N PHE A 58 20.72 8.36 0.51
CA PHE A 58 21.96 7.60 0.67
C PHE A 58 22.61 7.42 -0.68
N GLU A 59 23.94 7.42 -0.70
CA GLU A 59 24.68 7.21 -1.92
C GLU A 59 26.06 6.70 -1.56
N ILE A 60 26.55 5.73 -2.34
CA ILE A 60 27.87 5.19 -2.10
C ILE A 60 28.44 4.75 -3.43
N LYS A 61 29.73 5.00 -3.60
CA LYS A 61 30.43 4.61 -4.81
C LYS A 61 31.52 3.64 -4.35
N LYS A 62 31.67 2.54 -5.07
CA LYS A 62 32.65 1.53 -4.72
C LYS A 62 34.08 2.07 -4.75
N PRO A 63 34.88 1.66 -3.78
CA PRO A 63 36.27 2.10 -3.68
C PRO A 63 37.14 1.41 -4.73
N PRO A 78 35.00 -12.98 5.02
CA PRO A 78 34.08 -14.12 4.85
C PRO A 78 32.75 -13.70 4.23
N ASN A 79 32.22 -12.56 4.68
CA ASN A 79 31.00 -12.04 4.09
C ASN A 79 31.42 -11.56 2.70
N ALA A 80 32.72 -11.27 2.58
CA ALA A 80 33.31 -10.83 1.33
C ALA A 80 32.57 -9.67 0.68
N GLY A 81 32.24 -8.65 1.47
CA GLY A 81 31.54 -7.49 0.93
C GLY A 81 30.09 -7.76 0.57
N ARG A 82 29.57 -8.91 0.99
CA ARG A 82 28.20 -9.29 0.67
C ARG A 82 27.20 -8.81 1.73
N PHE A 83 27.70 -8.28 2.84
CA PHE A 83 26.84 -7.79 3.92
C PHE A 83 27.05 -6.29 4.11
N VAL A 84 25.96 -5.54 4.22
CA VAL A 84 26.05 -4.10 4.44
C VAL A 84 25.08 -3.67 5.55
N ARG A 85 25.52 -2.71 6.36
CA ARG A 85 24.71 -2.18 7.44
C ARG A 85 24.32 -0.76 7.08
N TYR A 86 23.02 -0.47 7.17
CA TYR A 86 22.50 0.85 6.84
C TYR A 86 22.00 1.62 8.04
N GLN A 87 22.32 2.91 8.07
CA GLN A 87 21.91 3.79 9.17
C GLN A 87 20.96 4.83 8.59
N PHE A 88 19.66 4.62 8.77
CA PHE A 88 18.66 5.56 8.26
C PHE A 88 17.97 6.26 9.42
N THR A 89 17.02 7.14 9.11
CA THR A 89 16.30 7.89 10.13
C THR A 89 14.87 7.39 10.31
N PRO A 90 14.20 7.81 11.38
CA PRO A 90 12.81 7.40 11.65
C PRO A 90 11.87 7.77 10.50
N ALA A 91 12.16 8.87 9.83
CA ALA A 91 11.33 9.34 8.72
C ALA A 91 11.34 8.39 7.53
N PHE A 92 12.40 7.61 7.41
CA PHE A 92 12.52 6.64 6.32
C PHE A 92 11.35 5.65 6.33
N LEU A 93 10.89 5.29 7.53
CA LEU A 93 9.80 4.34 7.68
C LEU A 93 8.44 4.87 7.29
N ARG A 94 8.36 6.17 6.98
CA ARG A 94 7.08 6.76 6.58
C ARG A 94 7.09 7.23 5.13
N LEU A 95 8.15 6.90 4.41
CA LEU A 95 8.26 7.28 3.00
C LEU A 95 7.28 6.50 2.14
N ARG A 96 6.84 7.12 1.06
CA ARG A 96 5.90 6.49 0.12
C ARG A 96 6.63 5.77 -1.00
N GLN A 97 7.60 6.45 -1.60
CA GLN A 97 8.30 5.87 -2.73
C GLN A 97 9.72 6.40 -2.86
N VAL A 98 10.67 5.51 -3.14
CA VAL A 98 12.05 5.94 -3.35
C VAL A 98 12.57 5.36 -4.67
N GLY A 99 13.41 6.13 -5.35
CA GLY A 99 13.97 5.67 -6.60
C GLY A 99 15.42 5.33 -6.34
N ALA A 100 15.80 4.09 -6.64
CA ALA A 100 17.19 3.68 -6.45
C ALA A 100 17.89 3.64 -7.80
N THR A 101 19.04 4.30 -7.86
CA THR A 101 19.82 4.30 -9.10
C THR A 101 21.01 3.38 -8.82
N VAL A 102 21.21 2.38 -9.67
CA VAL A 102 22.31 1.46 -9.46
C VAL A 102 23.14 1.38 -10.71
N GLU A 103 24.45 1.31 -10.52
CA GLU A 103 25.39 1.19 -11.63
C GLU A 103 26.18 -0.09 -11.41
N PHE A 104 26.36 -0.88 -12.45
CA PHE A 104 27.08 -2.14 -12.31
C PHE A 104 27.82 -2.47 -13.60
N THR A 105 28.93 -3.19 -13.49
CA THR A 105 29.65 -3.61 -14.69
C THR A 105 29.26 -5.06 -14.91
N VAL A 106 29.38 -5.51 -16.15
CA VAL A 106 29.06 -6.89 -16.50
C VAL A 106 30.25 -7.45 -17.28
N GLY A 107 30.50 -8.76 -17.12
CA GLY A 107 31.58 -9.39 -17.84
C GLY A 107 31.27 -9.60 -19.32
N ASP A 108 32.07 -10.42 -19.99
CA ASP A 108 31.90 -10.67 -21.42
C ASP A 108 30.75 -11.61 -21.82
N LYS A 109 30.26 -12.39 -20.87
CA LYS A 109 29.16 -13.31 -21.15
C LYS A 109 27.83 -12.55 -21.15
N PRO A 110 27.02 -12.71 -22.21
CA PRO A 110 25.74 -12.01 -22.26
C PRO A 110 24.90 -12.32 -21.03
N VAL A 111 24.20 -11.32 -20.52
CA VAL A 111 23.34 -11.49 -19.36
C VAL A 111 21.90 -11.26 -19.83
N ASN A 112 21.08 -12.30 -19.74
CA ASN A 112 19.68 -12.21 -20.14
C ASN A 112 18.79 -12.53 -18.95
N ASN A 113 17.67 -11.80 -18.85
CA ASN A 113 16.71 -12.01 -17.79
C ASN A 113 17.36 -11.80 -16.42
N PHE A 114 18.01 -10.65 -16.24
CA PHE A 114 18.66 -10.32 -14.96
C PHE A 114 17.53 -9.79 -14.06
N ARG A 115 17.40 -10.39 -12.89
CA ARG A 115 16.32 -10.05 -11.98
C ARG A 115 16.79 -10.07 -10.54
N MSE A 116 16.20 -9.20 -9.72
CA MSE A 116 16.54 -9.14 -8.30
C MSE A 116 15.30 -9.21 -7.44
O MSE A 116 14.33 -8.49 -7.67
CB MSE A 116 17.29 -7.85 -7.93
CG MSE A 116 17.66 -7.81 -6.43
SE MSE A 116 18.26 -6.08 -5.73
CE MSE A 116 16.61 -5.09 -5.94
N ILE A 117 15.31 -10.11 -6.46
CA ILE A 117 14.21 -10.23 -5.52
C ILE A 117 14.82 -9.88 -4.17
N GLU A 118 14.33 -8.80 -3.58
CA GLU A 118 14.84 -8.29 -2.29
C GLU A 118 13.74 -8.36 -1.24
N ARG A 119 13.98 -9.13 -0.18
CA ARG A 119 12.99 -9.33 0.87
C ARG A 119 13.42 -8.73 2.21
N HIS A 120 12.54 -7.95 2.81
CA HIS A 120 12.82 -7.28 4.08
C HIS A 120 11.97 -7.89 5.19
N TYR A 121 12.59 -8.08 6.35
CA TYR A 121 11.92 -8.68 7.50
C TYR A 121 12.25 -7.93 8.79
N PHE A 122 11.32 -7.92 9.73
CA PHE A 122 11.59 -7.33 11.03
C PHE A 122 11.30 -8.46 12.00
N ARG A 123 12.34 -8.92 12.70
CA ARG A 123 12.19 -10.03 13.63
C ARG A 123 11.47 -11.23 13.01
N ASN A 124 11.94 -11.64 11.84
CA ASN A 124 11.37 -12.80 11.14
C ASN A 124 9.95 -12.62 10.62
N GLN A 125 9.49 -11.38 10.53
CA GLN A 125 8.17 -11.10 9.98
C GLN A 125 8.40 -10.36 8.66
N LEU A 126 7.93 -10.95 7.56
CA LEU A 126 8.11 -10.33 6.25
C LEU A 126 7.44 -8.97 6.19
N LEU A 127 8.20 -7.96 5.80
CA LEU A 127 7.67 -6.60 5.66
C LEU A 127 7.25 -6.39 4.20
N LYS A 128 8.18 -6.60 3.29
CA LYS A 128 7.88 -6.46 1.87
C LYS A 128 8.95 -7.14 1.03
N SER A 129 8.55 -7.64 -0.13
CA SER A 129 9.48 -8.26 -1.07
C SER A 129 9.37 -7.42 -2.34
N PHE A 130 10.51 -7.05 -2.91
CA PHE A 130 10.53 -6.26 -4.13
C PHE A 130 11.10 -7.14 -5.24
N ASP A 131 10.45 -7.12 -6.39
CA ASP A 131 10.85 -7.96 -7.51
C ASP A 131 11.14 -7.04 -8.68
N PHE A 132 12.41 -6.92 -9.07
CA PHE A 132 12.78 -6.03 -10.18
C PHE A 132 13.47 -6.76 -11.33
N HIS A 133 13.13 -6.38 -12.55
CA HIS A 133 13.76 -6.94 -13.73
C HIS A 133 14.64 -5.84 -14.33
N PHE A 134 15.93 -6.11 -14.44
CA PHE A 134 16.83 -5.13 -15.00
C PHE A 134 16.55 -4.98 -16.49
N GLY A 135 16.87 -3.82 -17.06
CA GLY A 135 16.65 -3.64 -18.48
C GLY A 135 17.66 -4.51 -19.21
N PHE A 136 17.80 -4.31 -20.51
CA PHE A 136 18.79 -5.06 -21.26
C PHE A 136 20.16 -4.70 -20.69
N CYS A 137 21.00 -5.71 -20.44
CA CYS A 137 22.35 -5.47 -19.90
C CYS A 137 23.42 -5.58 -20.98
N ILE A 138 24.20 -4.51 -21.14
CA ILE A 138 25.27 -4.48 -22.14
C ILE A 138 26.48 -5.24 -21.62
N PRO A 139 26.94 -6.24 -22.38
CA PRO A 139 28.10 -7.03 -21.95
C PRO A 139 29.37 -6.19 -21.93
N SER A 140 30.31 -6.58 -21.07
CA SER A 140 31.61 -5.91 -21.00
C SER A 140 31.56 -4.41 -20.77
N SER A 141 30.63 -3.93 -19.94
CA SER A 141 30.57 -2.50 -19.70
C SER A 141 29.77 -2.13 -18.46
N LYS A 142 29.76 -0.84 -18.18
CA LYS A 142 29.02 -0.33 -17.03
C LYS A 142 27.58 -0.14 -17.49
N ASN A 143 26.64 -0.54 -16.64
CA ASN A 143 25.22 -0.41 -16.93
C ASN A 143 24.59 0.38 -15.79
N THR A 144 23.47 1.03 -16.09
CA THR A 144 22.75 1.82 -15.10
C THR A 144 21.28 1.41 -15.14
N CYS A 145 20.67 1.26 -13.96
CA CYS A 145 19.27 0.89 -13.88
C CYS A 145 18.63 1.71 -12.76
N GLU A 146 17.33 1.95 -12.87
CA GLU A 146 16.60 2.69 -11.85
C GLU A 146 15.44 1.82 -11.37
N HIS A 147 15.39 1.54 -10.07
CA HIS A 147 14.31 0.74 -9.47
C HIS A 147 13.42 1.65 -8.64
N ILE A 148 12.11 1.51 -8.78
CA ILE A 148 11.20 2.31 -7.96
C ILE A 148 10.65 1.44 -6.84
N TYR A 149 10.95 1.81 -5.60
CA TYR A 149 10.47 1.05 -4.45
C TYR A 149 9.20 1.70 -3.88
N ASP A 150 8.09 0.96 -3.90
CA ASP A 150 6.86 1.47 -3.32
C ASP A 150 6.76 0.84 -1.93
N PHE A 151 6.99 1.67 -0.90
CA PHE A 151 6.99 1.16 0.47
C PHE A 151 5.64 0.75 1.00
N PRO A 152 5.61 -0.33 1.78
CA PRO A 152 4.38 -0.84 2.37
C PRO A 152 3.97 0.13 3.48
N PRO A 153 2.66 0.33 3.68
CA PRO A 153 2.22 1.24 4.74
C PRO A 153 2.37 0.46 6.06
N LEU A 154 3.38 0.81 6.85
CA LEU A 154 3.65 0.11 8.09
C LEU A 154 2.77 0.59 9.27
N SER A 155 2.37 -0.34 10.12
CA SER A 155 1.54 0.00 11.28
C SER A 155 2.35 0.83 12.26
N GLU A 156 1.67 1.58 13.13
CA GLU A 156 2.34 2.41 14.11
C GLU A 156 3.19 1.60 15.08
N GLU A 157 2.71 0.41 15.43
CA GLU A 157 3.45 -0.43 16.37
C GLU A 157 4.71 -1.01 15.73
N LEU A 158 4.63 -1.32 14.44
CA LEU A 158 5.79 -1.85 13.73
C LEU A 158 6.85 -0.74 13.61
N ILE A 159 6.41 0.48 13.28
CA ILE A 159 7.34 1.60 13.15
C ILE A 159 8.05 1.87 14.49
N SER A 160 7.30 1.86 15.58
CA SER A 160 7.89 2.10 16.91
C SER A 160 8.94 1.05 17.25
N GLU A 161 8.60 -0.21 17.02
CA GLU A 161 9.50 -1.30 17.33
C GLU A 161 10.75 -1.29 16.47
N MSE A 162 10.60 -0.96 15.19
CA MSE A 162 11.74 -0.92 14.29
C MSE A 162 12.71 0.20 14.67
O MSE A 162 13.92 0.04 14.56
CB MSE A 162 11.25 -0.74 12.83
CG MSE A 162 10.56 -1.98 12.29
SE MSE A 162 9.64 -1.69 10.59
CE MSE A 162 11.18 -1.64 9.42
N ILE A 163 12.17 1.31 15.14
CA ILE A 163 13.01 2.42 15.57
C ILE A 163 13.73 2.02 16.86
N ARG A 164 13.01 1.32 17.73
CA ARG A 164 13.51 0.90 19.03
C ARG A 164 14.50 -0.27 19.00
N HIS A 165 14.49 -1.05 17.93
CA HIS A 165 15.37 -2.20 17.83
C HIS A 165 16.22 -2.19 16.57
N PRO A 166 17.28 -1.37 16.56
CA PRO A 166 18.15 -1.28 15.38
C PRO A 166 18.77 -2.62 15.02
N TYR A 167 18.94 -2.83 13.71
CA TYR A 167 19.57 -4.03 13.18
C TYR A 167 18.75 -5.30 13.26
N GLU A 168 17.53 -5.19 13.78
CA GLU A 168 16.66 -6.36 13.82
C GLU A 168 15.81 -6.38 12.56
N THR A 169 15.99 -5.35 11.74
CA THR A 169 15.32 -5.28 10.45
C THR A 169 16.46 -5.74 9.53
N GLN A 170 16.18 -6.78 8.75
CA GLN A 170 17.20 -7.36 7.86
C GLN A 170 16.62 -7.68 6.49
N SER A 171 17.48 -7.76 5.49
CA SER A 171 17.04 -8.09 4.15
C SER A 171 17.97 -9.08 3.45
N ASP A 172 17.41 -9.81 2.49
CA ASP A 172 18.15 -10.75 1.64
C ASP A 172 17.90 -10.20 0.23
N SER A 173 18.97 -10.01 -0.54
CA SER A 173 18.81 -9.56 -1.92
C SER A 173 19.29 -10.73 -2.80
N PHE A 174 18.37 -11.32 -3.56
CA PHE A 174 18.70 -12.46 -4.41
C PHE A 174 18.74 -12.05 -5.88
N TYR A 175 19.85 -12.34 -6.55
CA TYR A 175 20.00 -11.97 -7.96
C TYR A 175 20.00 -13.21 -8.83
N PHE A 176 19.22 -13.14 -9.90
CA PHE A 176 19.08 -14.24 -10.84
C PHE A 176 19.39 -13.85 -12.28
N VAL A 177 20.00 -14.79 -13.01
CA VAL A 177 20.26 -14.59 -14.43
C VAL A 177 19.69 -15.87 -15.06
N ASP A 178 18.74 -15.70 -15.97
CA ASP A 178 18.10 -16.83 -16.61
C ASP A 178 17.58 -17.84 -15.59
N ASP A 179 16.87 -17.32 -14.58
CA ASP A 179 16.26 -18.12 -13.53
C ASP A 179 17.18 -18.88 -12.59
N ARG A 180 18.47 -18.54 -12.61
CA ARG A 180 19.41 -19.20 -11.72
C ARG A 180 20.05 -18.19 -10.77
N LEU A 181 20.08 -18.50 -9.47
CA LEU A 181 20.68 -17.62 -8.48
C LEU A 181 22.19 -17.46 -8.73
N VAL A 182 22.65 -16.23 -8.92
CA VAL A 182 24.08 -16.00 -9.15
C VAL A 182 24.73 -15.11 -8.09
N MSE A 183 23.92 -14.42 -7.29
CA MSE A 183 24.43 -13.55 -6.23
C MSE A 183 23.41 -13.46 -5.10
O MSE A 183 22.20 -13.46 -5.34
CB MSE A 183 24.69 -12.13 -6.74
CG MSE A 183 25.93 -11.94 -7.57
SE MSE A 183 26.05 -10.07 -8.10
CE MSE A 183 26.15 -9.26 -6.35
N HIS A 184 23.91 -13.36 -3.88
CA HIS A 184 23.08 -13.23 -2.70
C HIS A 184 23.78 -12.28 -1.72
N ASN A 185 23.16 -11.13 -1.47
CA ASN A 185 23.70 -10.16 -0.53
C ASN A 185 22.76 -10.06 0.69
N LYS A 186 23.31 -9.65 1.82
CA LYS A 186 22.52 -9.50 3.05
C LYS A 186 22.74 -8.11 3.63
N ALA A 187 21.80 -7.66 4.43
CA ALA A 187 21.92 -6.34 5.06
C ALA A 187 21.05 -6.22 6.30
N ASP A 188 21.42 -5.28 7.19
CA ASP A 188 20.56 -5.02 8.33
C ASP A 188 20.44 -3.50 8.42
N TYR A 189 19.40 -3.04 9.11
CA TYR A 189 19.12 -1.62 9.14
C TYR A 189 18.82 -1.03 10.51
N SER A 190 19.20 0.24 10.66
CA SER A 190 18.90 1.00 11.87
C SER A 190 18.08 2.21 11.40
N TYR A 191 17.06 2.56 12.16
CA TYR A 191 16.21 3.71 11.85
C TYR A 191 16.24 4.63 13.06
N SER A 192 17.34 4.54 13.81
CA SER A 192 17.52 5.32 15.03
C SER A 192 18.17 6.66 14.72
N LYS B 12 0.40 38.46 34.32
CA LYS B 12 0.57 39.62 35.25
C LYS B 12 1.83 40.39 34.91
N GLN B 13 2.17 41.38 35.73
CA GLN B 13 3.37 42.17 35.52
C GLN B 13 4.51 41.53 36.30
N PRO B 14 4.34 41.35 37.62
CA PRO B 14 5.39 40.73 38.43
C PRO B 14 5.19 39.20 38.38
N ILE B 15 6.27 38.47 38.04
CA ILE B 15 6.19 37.03 37.90
C ILE B 15 6.98 36.26 38.95
N GLY B 16 6.31 35.36 39.66
CA GLY B 16 6.98 34.55 40.66
C GLY B 16 6.78 33.08 40.33
N PRO B 17 7.41 32.16 41.08
CA PRO B 17 7.31 30.72 40.86
C PRO B 17 5.88 30.19 40.73
N GLU B 18 4.99 30.66 41.59
CA GLU B 18 3.60 30.21 41.56
C GLU B 18 2.87 30.60 40.28
N ASP B 19 3.32 31.67 39.64
CA ASP B 19 2.70 32.10 38.39
C ASP B 19 2.99 31.14 37.23
N VAL B 20 4.22 30.63 37.17
CA VAL B 20 4.60 29.72 36.08
C VAL B 20 4.31 28.25 36.36
N LEU B 21 4.23 27.88 37.63
CA LEU B 21 3.98 26.48 37.99
C LEU B 21 2.59 25.99 37.59
N GLY B 22 1.76 26.91 37.12
CA GLY B 22 0.41 26.53 36.71
C GLY B 22 0.21 26.53 35.20
N LEU B 23 1.19 27.04 34.45
CA LEU B 23 1.09 27.11 33.00
C LEU B 23 0.86 25.74 32.37
N GLN B 24 -0.14 25.65 31.50
CA GLN B 24 -0.46 24.39 30.83
C GLN B 24 -0.13 24.47 29.35
N ARG B 25 0.46 25.58 28.93
CA ARG B 25 0.87 25.78 27.55
C ARG B 25 2.16 26.60 27.48
N ILE B 26 2.85 26.51 26.36
CA ILE B 26 4.08 27.27 26.15
C ILE B 26 3.64 28.74 26.05
N THR B 27 4.45 29.66 26.57
CA THR B 27 4.08 31.08 26.53
C THR B 27 4.25 31.67 25.14
N GLY B 28 3.35 32.57 24.77
CA GLY B 28 3.41 33.19 23.45
C GLY B 28 4.55 34.19 23.27
N ASP B 29 5.18 34.58 24.37
CA ASP B 29 6.28 35.54 24.31
C ASP B 29 7.11 35.38 25.57
N TYR B 30 8.29 36.00 25.60
CA TYR B 30 9.14 35.93 26.78
C TYR B 30 8.45 36.70 27.90
N LEU B 31 8.48 36.14 29.11
CA LEU B 31 7.85 36.77 30.27
C LEU B 31 8.67 37.88 30.90
N CYS B 32 9.88 38.11 30.39
CA CYS B 32 10.73 39.18 30.90
C CYS B 32 11.73 39.61 29.83
N SER B 33 12.35 40.77 30.03
CA SER B 33 13.33 41.28 29.08
C SER B 33 14.74 40.91 29.53
N PRO B 34 15.72 41.01 28.61
CA PRO B 34 17.11 40.67 28.92
C PRO B 34 17.65 41.57 30.04
N GLU B 35 17.07 42.77 30.15
CA GLU B 35 17.50 43.75 31.14
C GLU B 35 17.14 43.38 32.58
N GLU B 36 16.16 42.51 32.76
CA GLU B 36 15.78 42.11 34.10
C GLU B 36 16.79 41.15 34.73
N ASN B 37 17.81 40.80 33.95
CA ASN B 37 18.89 39.93 34.42
C ASN B 37 19.94 40.84 35.07
N ILE B 38 19.56 41.48 36.16
CA ILE B 38 20.44 42.42 36.87
C ILE B 38 21.58 41.75 37.61
N TYR B 39 21.45 40.46 37.87
CA TYR B 39 22.48 39.71 38.59
C TYR B 39 23.58 39.23 37.65
N LYS B 40 23.43 39.56 36.38
CA LYS B 40 24.40 39.20 35.34
C LYS B 40 24.73 37.71 35.28
N ILE B 41 23.71 36.88 35.38
CA ILE B 41 23.89 35.43 35.30
C ILE B 41 24.12 35.07 33.84
N ASP B 42 25.24 34.41 33.55
CA ASP B 42 25.57 34.03 32.19
C ASP B 42 26.00 32.56 32.10
N PHE B 43 25.19 31.74 31.44
CA PHE B 43 25.50 30.32 31.30
C PHE B 43 26.56 30.11 30.23
N VAL B 44 27.68 29.52 30.62
CA VAL B 44 28.79 29.31 29.70
C VAL B 44 29.10 27.87 29.33
N ARG B 45 28.37 26.93 29.92
CA ARG B 45 28.56 25.52 29.61
C ARG B 45 27.32 24.72 30.00
N PHE B 46 26.99 23.73 29.17
CA PHE B 46 25.85 22.87 29.43
C PHE B 46 26.19 21.49 28.87
N LYS B 47 25.95 20.47 29.68
CA LYS B 47 26.26 19.09 29.29
C LYS B 47 25.28 18.13 29.95
N ILE B 48 24.72 17.20 29.16
CA ILE B 48 23.82 16.22 29.72
C ILE B 48 24.30 14.82 29.36
N ARG B 49 24.28 13.93 30.34
CA ARG B 49 24.72 12.57 30.10
C ARG B 49 23.67 11.58 30.59
N ASP B 50 23.62 10.43 29.92
CA ASP B 50 22.70 9.36 30.26
C ASP B 50 23.27 8.63 31.47
N MSE B 51 22.53 8.61 32.57
CA MSE B 51 23.00 7.99 33.80
C MSE B 51 23.08 6.47 33.75
O MSE B 51 23.72 5.85 34.59
CB MSE B 51 22.14 8.43 34.99
CG MSE B 51 22.12 9.94 35.17
SE MSE B 51 23.85 10.74 35.56
CE MSE B 51 24.94 10.08 34.11
N ASP B 52 22.46 5.86 32.73
CA ASP B 52 22.50 4.42 32.61
C ASP B 52 23.54 3.91 31.62
N SER B 53 24.22 4.83 30.93
CA SER B 53 25.21 4.43 29.96
C SER B 53 26.48 5.28 30.02
N GLY B 54 26.37 6.45 30.61
CA GLY B 54 27.51 7.34 30.70
C GLY B 54 27.73 8.10 29.40
N THR B 55 26.83 7.93 28.46
CA THR B 55 26.95 8.60 27.17
C THR B 55 26.63 10.09 27.30
N VAL B 56 27.46 10.94 26.70
CA VAL B 56 27.24 12.37 26.71
C VAL B 56 26.28 12.66 25.57
N LEU B 57 25.03 12.97 25.93
CA LEU B 57 23.97 13.23 24.95
C LEU B 57 24.08 14.58 24.26
N PHE B 58 24.65 15.56 24.96
CA PHE B 58 24.81 16.90 24.39
C PHE B 58 25.76 17.69 25.26
N GLU B 59 26.51 18.59 24.64
CA GLU B 59 27.44 19.46 25.36
C GLU B 59 27.82 20.66 24.51
N ILE B 60 27.87 21.81 25.15
CA ILE B 60 28.23 23.05 24.48
C ILE B 60 28.93 23.98 25.47
N LYS B 61 29.83 24.81 24.96
CA LYS B 61 30.56 25.77 25.78
C LYS B 61 30.50 27.12 25.08
N LYS B 62 30.51 28.20 25.86
CA LYS B 62 30.47 29.54 25.29
C LYS B 62 31.89 30.07 25.12
N PRO B 63 32.45 29.95 23.90
CA PRO B 63 33.81 30.43 23.65
C PRO B 63 33.88 31.95 23.80
N SER B 66 34.51 32.44 19.48
CA SER B 66 33.18 32.30 18.90
C SER B 66 33.28 31.62 17.54
N GLU B 67 33.25 30.29 17.56
CA GLU B 67 33.37 29.45 16.37
C GLU B 67 32.60 29.87 15.12
N ARG B 68 31.30 30.12 15.28
CA ARG B 68 30.48 30.49 14.13
C ARG B 68 30.02 31.94 14.07
N LEU B 69 30.96 32.84 13.84
CA LEU B 69 30.62 34.26 13.73
C LEU B 69 29.76 34.50 12.50
N PRO B 70 28.85 35.48 12.58
CA PRO B 70 27.99 35.79 11.42
C PRO B 70 28.92 36.53 10.47
N ILE B 71 28.94 36.16 9.20
CA ILE B 71 29.83 36.83 8.25
C ILE B 71 29.26 38.14 7.73
N ASN B 72 28.18 38.05 6.96
CA ASN B 72 27.56 39.23 6.37
C ASN B 72 26.75 40.08 7.34
N ARG B 73 26.69 41.37 7.06
CA ARG B 73 25.97 42.32 7.90
C ARG B 73 24.51 41.90 8.05
N ARG B 74 24.04 41.88 9.29
CA ARG B 74 22.67 41.51 9.62
C ARG B 74 22.45 39.99 9.57
N ASP B 75 23.53 39.24 9.47
CA ASP B 75 23.47 37.78 9.46
C ASP B 75 23.20 37.27 10.88
N LEU B 76 23.23 35.95 11.05
CA LEU B 76 23.01 35.34 12.36
C LEU B 76 23.67 36.17 13.46
N ALA B 80 17.63 38.71 22.81
CA ALA B 80 18.63 38.20 21.92
C ALA B 80 18.70 36.66 21.93
N GLY B 81 19.89 36.12 22.08
CA GLY B 81 20.05 34.68 22.06
C GLY B 81 19.44 33.83 23.16
N ARG B 82 18.11 33.90 23.26
CA ARG B 82 17.39 33.12 24.30
C ARG B 82 16.61 31.88 23.83
N PHE B 83 16.81 31.55 22.56
CA PHE B 83 16.14 30.39 22.02
C PHE B 83 17.17 29.41 21.50
N VAL B 84 17.00 28.13 21.80
CA VAL B 84 17.93 27.13 21.31
C VAL B 84 17.15 25.95 20.74
N ARG B 85 17.65 25.39 19.64
CA ARG B 85 17.02 24.23 19.02
C ARG B 85 17.89 23.01 19.27
N TYR B 86 17.30 21.94 19.81
CA TYR B 86 18.05 20.72 20.09
C TYR B 86 17.72 19.59 19.14
N GLN B 87 18.77 18.88 18.71
CA GLN B 87 18.64 17.74 17.80
C GLN B 87 19.04 16.48 18.57
N PHE B 88 18.05 15.70 19.01
CA PHE B 88 18.30 14.48 19.75
C PHE B 88 17.86 13.26 18.97
N THR B 89 18.07 12.07 19.53
CA THR B 89 17.70 10.82 18.87
C THR B 89 16.42 10.24 19.45
N PRO B 90 15.81 9.26 18.75
CA PRO B 90 14.58 8.62 19.20
C PRO B 90 14.76 7.94 20.57
N ALA B 91 15.95 7.42 20.80
CA ALA B 91 16.28 6.73 22.06
C ALA B 91 16.23 7.68 23.24
N PHE B 92 16.41 8.97 22.98
CA PHE B 92 16.37 9.98 24.03
C PHE B 92 15.04 9.93 24.78
N LEU B 93 13.97 9.63 24.06
CA LEU B 93 12.64 9.56 24.65
C LEU B 93 12.39 8.37 25.55
N ARG B 94 13.33 7.42 25.55
CA ARG B 94 13.15 6.24 26.38
C ARG B 94 14.14 6.21 27.54
N LEU B 95 14.84 7.32 27.75
CA LEU B 95 15.80 7.42 28.85
C LEU B 95 15.09 7.47 30.20
N ARG B 96 15.77 6.99 31.24
CA ARG B 96 15.22 6.99 32.58
C ARG B 96 15.66 8.23 33.37
N GLN B 97 16.96 8.48 33.34
CA GLN B 97 17.52 9.60 34.10
C GLN B 97 18.75 10.18 33.43
N VAL B 98 18.86 11.50 33.42
CA VAL B 98 20.00 12.17 32.83
C VAL B 98 20.58 13.19 33.80
N GLY B 99 21.90 13.32 33.80
CA GLY B 99 22.58 14.28 34.66
C GLY B 99 22.94 15.51 33.84
N ALA B 100 22.57 16.68 34.33
CA ALA B 100 22.85 17.91 33.62
C ALA B 100 23.81 18.81 34.38
N THR B 101 24.96 19.08 33.78
CA THR B 101 25.95 19.95 34.41
C THR B 101 25.90 21.29 33.71
N VAL B 102 25.85 22.35 34.50
CA VAL B 102 25.83 23.69 33.94
C VAL B 102 26.86 24.56 34.64
N GLU B 103 27.51 25.42 33.88
CA GLU B 103 28.49 26.33 34.41
C GLU B 103 28.00 27.72 34.06
N PHE B 104 28.07 28.64 35.02
CA PHE B 104 27.63 29.99 34.79
C PHE B 104 28.42 30.96 35.65
N THR B 105 28.52 32.21 35.19
CA THR B 105 29.20 33.24 35.94
C THR B 105 28.09 34.18 36.44
N VAL B 106 28.35 34.88 37.53
CA VAL B 106 27.37 35.83 38.05
C VAL B 106 28.14 37.11 38.37
N GLY B 107 27.40 38.22 38.49
CA GLY B 107 28.01 39.49 38.80
C GLY B 107 28.34 39.63 40.28
N ASP B 108 28.56 40.86 40.73
CA ASP B 108 28.92 41.12 42.11
C ASP B 108 27.79 41.06 43.14
N LYS B 109 26.54 41.18 42.70
CA LYS B 109 25.43 41.14 43.65
C LYS B 109 25.16 39.73 44.15
N PRO B 110 24.76 39.60 45.43
CA PRO B 110 24.45 38.28 45.98
C PRO B 110 23.21 37.74 45.27
N VAL B 111 23.27 36.48 44.85
CA VAL B 111 22.13 35.87 44.18
C VAL B 111 21.44 34.95 45.18
N ASN B 112 20.35 35.41 45.77
CA ASN B 112 19.62 34.65 46.75
C ASN B 112 18.56 33.71 46.18
N ASN B 113 18.65 32.44 46.57
CA ASN B 113 17.66 31.45 46.14
C ASN B 113 17.50 31.37 44.61
N PHE B 114 18.62 31.23 43.91
CA PHE B 114 18.61 31.10 42.46
C PHE B 114 17.88 29.78 42.14
N ARG B 115 16.79 29.87 41.39
CA ARG B 115 15.96 28.71 41.09
C ARG B 115 15.48 28.67 39.65
N MSE B 116 15.38 27.47 39.07
CA MSE B 116 14.89 27.35 37.70
C MSE B 116 13.69 26.42 37.63
O MSE B 116 13.67 25.37 38.26
CB MSE B 116 15.98 26.81 36.75
CG MSE B 116 15.46 26.61 35.33
SE MSE B 116 16.63 25.61 34.14
CE MSE B 116 16.27 23.83 34.82
N ILE B 117 12.67 26.83 36.88
CA ILE B 117 11.50 26.01 36.67
C ILE B 117 11.45 25.85 35.16
N GLU B 118 11.63 24.61 34.70
CA GLU B 118 11.64 24.31 33.27
C GLU B 118 10.47 23.40 32.94
N ARG B 119 9.63 23.84 32.01
CA ARG B 119 8.46 23.08 31.62
C ARG B 119 8.53 22.67 30.15
N HIS B 120 8.32 21.38 29.91
CA HIS B 120 8.37 20.83 28.55
C HIS B 120 6.96 20.47 28.10
N TYR B 121 6.63 20.80 26.86
CA TYR B 121 5.31 20.50 26.32
C TYR B 121 5.36 19.93 24.91
N PHE B 122 4.35 19.13 24.58
CA PHE B 122 4.21 18.62 23.23
C PHE B 122 2.78 19.00 22.85
N ARG B 123 2.66 19.84 21.83
CA ARG B 123 1.35 20.28 21.37
C ARG B 123 0.40 20.70 22.52
N ASN B 124 0.85 21.65 23.33
CA ASN B 124 0.04 22.18 24.43
C ASN B 124 -0.19 21.22 25.60
N GLN B 125 0.45 20.06 25.56
CA GLN B 125 0.30 19.09 26.64
C GLN B 125 1.58 19.05 27.46
N LEU B 126 1.48 19.45 28.72
CA LEU B 126 2.65 19.44 29.61
C LEU B 126 3.17 18.01 29.74
N LEU B 127 4.46 17.83 29.49
CA LEU B 127 5.08 16.51 29.59
C LEU B 127 5.66 16.38 31.00
N LYS B 128 6.39 17.41 31.42
CA LYS B 128 6.95 17.45 32.76
C LYS B 128 7.49 18.82 33.09
N SER B 129 7.49 19.12 34.39
CA SER B 129 8.02 20.38 34.89
C SER B 129 9.14 20.01 35.84
N PHE B 130 10.29 20.65 35.67
CA PHE B 130 11.44 20.40 36.51
C PHE B 130 11.69 21.63 37.36
N ASP B 131 11.94 21.43 38.66
CA ASP B 131 12.15 22.52 39.58
C ASP B 131 13.47 22.30 40.33
N PHE B 132 14.50 23.07 39.97
CA PHE B 132 15.82 22.94 40.58
C PHE B 132 16.32 24.22 41.23
N HIS B 133 17.07 24.05 42.32
CA HIS B 133 17.71 25.17 43.02
C HIS B 133 19.20 25.04 42.74
N PHE B 134 19.88 26.17 42.55
CA PHE B 134 21.30 26.15 42.25
C PHE B 134 22.20 26.29 43.48
N GLY B 135 21.61 26.49 44.64
CA GLY B 135 22.40 26.65 45.85
C GLY B 135 23.13 27.99 45.85
N PHE B 136 24.20 28.08 46.64
CA PHE B 136 24.95 29.32 46.73
C PHE B 136 25.71 29.67 45.45
N CYS B 137 25.57 30.92 45.03
CA CYS B 137 26.24 31.41 43.83
C CYS B 137 27.39 32.31 44.26
N ILE B 138 28.61 31.93 43.90
CA ILE B 138 29.80 32.71 44.25
C ILE B 138 29.85 33.95 43.36
N PRO B 139 29.72 35.14 43.97
CA PRO B 139 29.75 36.41 43.23
C PRO B 139 31.00 36.61 42.39
N SER B 140 30.83 37.28 41.25
CA SER B 140 31.92 37.61 40.36
C SER B 140 32.83 36.47 39.94
N SER B 141 32.31 35.25 39.91
CA SER B 141 33.12 34.12 39.48
C SER B 141 32.28 33.01 38.87
N LYS B 142 32.96 31.98 38.37
CA LYS B 142 32.30 30.84 37.74
C LYS B 142 31.69 29.92 38.78
N ASN B 143 30.53 29.35 38.44
CA ASN B 143 29.83 28.42 39.31
C ASN B 143 29.49 27.16 38.52
N THR B 144 29.45 26.02 39.21
CA THR B 144 29.13 24.76 38.56
C THR B 144 28.08 24.03 39.39
N CYS B 145 27.07 23.49 38.72
CA CYS B 145 26.00 22.79 39.42
C CYS B 145 25.44 21.62 38.59
N GLU B 146 25.23 20.47 39.23
CA GLU B 146 24.66 19.33 38.52
C GLU B 146 23.23 19.05 38.98
N HIS B 147 22.36 18.85 38.00
CA HIS B 147 20.95 18.56 38.27
C HIS B 147 20.62 17.20 37.68
N ILE B 148 19.70 16.49 38.31
CA ILE B 148 19.27 15.19 37.81
C ILE B 148 17.85 15.26 37.29
N TYR B 149 17.68 15.01 36.00
CA TYR B 149 16.35 15.00 35.39
C TYR B 149 15.83 13.57 35.35
N ASP B 150 14.74 13.29 36.04
CA ASP B 150 14.13 11.98 35.96
C ASP B 150 13.04 12.14 34.91
N PHE B 151 13.20 11.45 33.78
CA PHE B 151 12.23 11.56 32.70
C PHE B 151 10.90 10.94 33.00
N PRO B 152 9.82 11.54 32.49
CA PRO B 152 8.50 10.98 32.73
C PRO B 152 8.34 9.79 31.79
N PRO B 153 7.55 8.78 32.21
CA PRO B 153 7.35 7.63 31.33
C PRO B 153 6.37 8.09 30.24
N LEU B 154 6.82 8.11 29.00
CA LEU B 154 5.97 8.55 27.90
C LEU B 154 5.20 7.39 27.28
N SER B 155 3.96 7.64 26.88
CA SER B 155 3.16 6.60 26.25
C SER B 155 3.75 6.34 24.86
N GLU B 156 3.48 5.17 24.30
CA GLU B 156 3.99 4.84 22.98
C GLU B 156 3.44 5.80 21.93
N GLU B 157 2.21 6.25 22.12
CA GLU B 157 1.58 7.17 21.18
C GLU B 157 2.29 8.52 21.21
N LEU B 158 2.61 8.98 22.42
CA LEU B 158 3.28 10.26 22.57
C LEU B 158 4.68 10.21 21.96
N ILE B 159 5.40 9.12 22.22
CA ILE B 159 6.74 8.98 21.69
C ILE B 159 6.74 8.98 20.16
N SER B 160 5.80 8.25 19.56
CA SER B 160 5.67 8.18 18.10
C SER B 160 5.45 9.56 17.49
N GLU B 161 4.52 10.30 18.08
CA GLU B 161 4.18 11.64 17.61
C GLU B 161 5.32 12.63 17.75
N MSE B 162 6.04 12.57 18.87
CA MSE B 162 7.15 13.48 19.08
C MSE B 162 8.27 13.21 18.07
O MSE B 162 8.92 14.15 17.59
CB MSE B 162 7.68 13.34 20.52
CG MSE B 162 6.68 13.83 21.56
SE MSE B 162 7.14 13.33 23.39
CE MSE B 162 8.59 14.60 23.69
N ILE B 163 8.47 11.95 17.72
CA ILE B 163 9.51 11.58 16.74
C ILE B 163 9.10 12.06 15.35
N ARG B 164 7.81 11.90 15.07
CA ARG B 164 7.22 12.26 13.78
C ARG B 164 7.07 13.76 13.57
N HIS B 165 6.91 14.51 14.66
CA HIS B 165 6.71 15.96 14.55
C HIS B 165 7.80 16.76 15.25
N PRO B 166 8.98 16.86 14.61
CA PRO B 166 10.09 17.61 15.20
C PRO B 166 9.76 19.07 15.46
N TYR B 167 10.29 19.58 16.56
CA TYR B 167 10.13 20.98 16.97
C TYR B 167 8.76 21.33 17.52
N GLU B 168 7.87 20.35 17.60
CA GLU B 168 6.57 20.60 18.18
C GLU B 168 6.64 20.32 19.68
N THR B 169 7.81 19.85 20.10
CA THR B 169 8.07 19.62 21.53
C THR B 169 8.84 20.90 21.88
N GLN B 170 8.34 21.64 22.86
CA GLN B 170 8.99 22.89 23.24
C GLN B 170 9.10 23.02 24.75
N SER B 171 10.02 23.87 25.21
CA SER B 171 10.19 24.08 26.64
C SER B 171 10.39 25.55 26.96
N ASP B 172 10.00 25.93 28.18
CA ASP B 172 10.17 27.29 28.70
C ASP B 172 11.05 27.08 29.92
N SER B 173 12.15 27.82 30.01
CA SER B 173 13.02 27.71 31.18
C SER B 173 12.94 29.05 31.92
N PHE B 174 12.33 29.02 33.11
CA PHE B 174 12.15 30.22 33.93
C PHE B 174 13.14 30.25 35.09
N TYR B 175 13.91 31.33 35.18
CA TYR B 175 14.90 31.46 36.25
C TYR B 175 14.46 32.54 37.24
N PHE B 176 14.53 32.23 38.53
CA PHE B 176 14.14 33.17 39.56
C PHE B 176 15.26 33.43 40.56
N VAL B 177 15.27 34.64 41.11
CA VAL B 177 16.21 35.04 42.15
C VAL B 177 15.33 35.77 43.17
N ASP B 178 15.27 35.22 44.38
CA ASP B 178 14.44 35.79 45.43
C ASP B 178 12.97 35.80 45.02
N ASP B 179 12.54 34.74 44.37
CA ASP B 179 11.15 34.59 43.94
C ASP B 179 10.70 35.54 42.83
N ARG B 180 11.66 36.16 42.14
CA ARG B 180 11.34 37.07 41.05
C ARG B 180 12.00 36.62 39.74
N LEU B 181 11.20 36.55 38.68
CA LEU B 181 11.71 36.13 37.37
C LEU B 181 12.81 37.07 36.86
N VAL B 182 13.99 36.52 36.59
CA VAL B 182 15.09 37.33 36.08
C VAL B 182 15.54 36.90 34.69
N MSE B 183 15.15 35.68 34.30
CA MSE B 183 15.51 35.16 32.99
C MSE B 183 14.46 34.19 32.46
O MSE B 183 13.82 33.48 33.24
CB MSE B 183 16.85 34.42 33.06
CG MSE B 183 18.09 35.29 33.02
SE MSE B 183 19.72 34.24 33.16
CE MSE B 183 19.34 32.89 31.82
N HIS B 184 14.29 34.16 31.14
CA HIS B 184 13.35 33.26 30.50
C HIS B 184 13.98 32.82 29.18
N ASN B 185 14.28 31.53 29.05
CA ASN B 185 14.84 30.97 27.83
C ASN B 185 13.83 30.03 27.22
N LYS B 186 13.89 29.87 25.91
CA LYS B 186 12.98 28.98 25.21
C LYS B 186 13.79 27.99 24.36
N ALA B 187 13.15 26.90 23.99
CA ALA B 187 13.83 25.89 23.17
C ALA B 187 12.83 24.96 22.53
N ASP B 188 13.23 24.32 21.42
CA ASP B 188 12.38 23.33 20.81
C ASP B 188 13.24 22.12 20.49
N TYR B 189 12.61 20.97 20.29
CA TYR B 189 13.35 19.73 20.12
C TYR B 189 12.93 18.82 18.99
N SER B 190 13.92 18.14 18.43
CA SER B 190 13.71 17.14 17.41
C SER B 190 14.26 15.84 18.01
N TYR B 191 13.58 14.73 17.74
CA TYR B 191 14.02 13.42 18.21
C TYR B 191 14.10 12.54 16.97
N SER B 192 14.34 13.18 15.84
CA SER B 192 14.41 12.49 14.55
C SER B 192 15.81 12.07 14.19
N GLY B 193 16.78 12.42 15.03
CA GLY B 193 18.15 12.11 14.71
C GLY B 193 18.49 12.82 13.41
N THR B 194 17.64 13.81 13.07
CA THR B 194 17.75 14.58 11.84
C THR B 194 19.17 14.97 11.45
N ARG C 11 -43.46 -17.92 -0.54
CA ARG C 11 -43.37 -17.32 0.82
C ARG C 11 -41.97 -16.77 1.08
N LYS C 12 -41.65 -16.54 2.36
CA LYS C 12 -40.35 -16.01 2.73
C LYS C 12 -39.80 -16.70 3.97
N GLN C 13 -38.68 -17.40 3.80
CA GLN C 13 -38.05 -18.12 4.91
C GLN C 13 -36.82 -17.36 5.41
N PRO C 14 -36.47 -17.53 6.70
CA PRO C 14 -35.31 -16.83 7.27
C PRO C 14 -34.04 -17.42 6.66
N ILE C 15 -33.08 -16.56 6.34
CA ILE C 15 -31.82 -17.04 5.75
C ILE C 15 -30.74 -17.20 6.80
N GLY C 16 -30.21 -18.43 6.91
CA GLY C 16 -29.16 -18.71 7.86
C GLY C 16 -27.93 -19.24 7.15
N PRO C 17 -26.83 -19.49 7.88
CA PRO C 17 -25.57 -20.00 7.32
C PRO C 17 -25.71 -21.21 6.40
N GLU C 18 -26.42 -22.23 6.85
CA GLU C 18 -26.60 -23.44 6.05
C GLU C 18 -27.31 -23.18 4.73
N ASP C 19 -28.19 -22.17 4.72
CA ASP C 19 -28.91 -21.83 3.49
C ASP C 19 -27.95 -21.34 2.40
N VAL C 20 -27.03 -20.44 2.76
CA VAL C 20 -26.09 -19.91 1.77
C VAL C 20 -24.92 -20.84 1.48
N LEU C 21 -24.56 -21.68 2.44
CA LEU C 21 -23.44 -22.61 2.25
C LEU C 21 -23.70 -23.64 1.16
N GLY C 22 -24.93 -23.68 0.66
CA GLY C 22 -25.27 -24.63 -0.40
C GLY C 22 -25.51 -23.99 -1.76
N LEU C 23 -25.42 -22.66 -1.82
CA LEU C 23 -25.63 -21.96 -3.08
C LEU C 23 -24.53 -22.31 -4.09
N GLN C 24 -24.93 -22.54 -5.33
CA GLN C 24 -23.98 -22.91 -6.37
C GLN C 24 -23.83 -21.86 -7.45
N ARG C 25 -24.54 -20.74 -7.28
CA ARG C 25 -24.47 -19.63 -8.21
C ARG C 25 -24.63 -18.33 -7.44
N ILE C 26 -24.13 -17.24 -8.01
CA ILE C 26 -24.27 -15.92 -7.40
C ILE C 26 -25.77 -15.66 -7.32
N THR C 27 -26.23 -14.94 -6.29
CA THR C 27 -27.65 -14.68 -6.16
C THR C 27 -28.17 -13.63 -7.14
N GLY C 28 -29.44 -13.78 -7.53
CA GLY C 28 -30.04 -12.85 -8.48
C GLY C 28 -30.46 -11.51 -7.90
N ASP C 29 -30.45 -11.41 -6.57
CA ASP C 29 -30.83 -10.18 -5.90
C ASP C 29 -30.29 -10.23 -4.48
N TYR C 30 -30.31 -9.09 -3.79
CA TYR C 30 -29.83 -9.05 -2.40
C TYR C 30 -30.78 -9.89 -1.55
N LEU C 31 -30.23 -10.73 -0.70
CA LEU C 31 -31.03 -11.59 0.16
C LEU C 31 -31.60 -10.89 1.39
N CYS C 32 -31.26 -9.63 1.57
CA CYS C 32 -31.77 -8.86 2.70
C CYS C 32 -31.71 -7.38 2.38
N SER C 33 -32.51 -6.59 3.07
CA SER C 33 -32.52 -5.14 2.85
C SER C 33 -31.54 -4.50 3.82
N PRO C 34 -31.15 -3.25 3.57
CA PRO C 34 -30.21 -2.55 4.45
C PRO C 34 -30.79 -2.41 5.86
N GLU C 35 -32.11 -2.40 5.94
CA GLU C 35 -32.82 -2.25 7.20
C GLU C 35 -32.67 -3.46 8.13
N GLU C 36 -32.29 -4.60 7.56
CA GLU C 36 -32.13 -5.80 8.38
C GLU C 36 -30.80 -5.81 9.12
N ASN C 37 -30.07 -4.68 9.04
CA ASN C 37 -28.80 -4.51 9.73
C ASN C 37 -29.12 -3.72 11.00
N ILE C 38 -29.81 -4.37 11.93
CA ILE C 38 -30.23 -3.72 13.17
C ILE C 38 -29.14 -3.47 14.22
N TYR C 39 -27.96 -4.08 14.03
CA TYR C 39 -26.86 -3.89 14.97
C TYR C 39 -26.00 -2.70 14.57
N LYS C 40 -26.39 -2.05 13.48
CA LYS C 40 -25.66 -0.88 12.97
C LYS C 40 -24.19 -1.19 12.74
N ILE C 41 -23.93 -2.29 12.05
CA ILE C 41 -22.59 -2.72 11.72
C ILE C 41 -22.14 -1.87 10.52
N ASP C 42 -21.03 -1.17 10.69
CA ASP C 42 -20.52 -0.31 9.63
C ASP C 42 -19.04 -0.51 9.41
N PHE C 43 -18.68 -1.06 8.25
CA PHE C 43 -17.26 -1.29 7.95
C PHE C 43 -16.61 0.02 7.50
N VAL C 44 -15.52 0.38 8.15
CA VAL C 44 -14.85 1.64 7.84
C VAL C 44 -13.48 1.50 7.19
N ARG C 45 -12.99 0.27 7.11
CA ARG C 45 -11.69 0.02 6.48
C ARG C 45 -11.60 -1.45 6.03
N PHE C 46 -11.01 -1.65 4.86
CA PHE C 46 -10.81 -2.98 4.31
C PHE C 46 -9.48 -2.95 3.58
N LYS C 47 -8.62 -3.91 3.90
CA LYS C 47 -7.29 -3.97 3.32
C LYS C 47 -6.91 -5.42 3.01
N ILE C 48 -6.35 -5.64 1.83
CA ILE C 48 -5.94 -6.97 1.40
C ILE C 48 -4.46 -6.95 1.03
N ARG C 49 -3.67 -7.84 1.63
CA ARG C 49 -2.26 -7.90 1.27
C ARG C 49 -1.80 -9.31 0.97
N ASP C 50 -0.84 -9.41 0.05
CA ASP C 50 -0.28 -10.69 -0.36
C ASP C 50 0.66 -11.15 0.75
N MSE C 51 0.38 -12.30 1.36
CA MSE C 51 1.21 -12.78 2.46
C MSE C 51 2.61 -13.18 2.03
O MSE C 51 3.50 -13.29 2.86
CB MSE C 51 0.50 -13.95 3.18
CG MSE C 51 -0.84 -13.55 3.78
SE MSE C 51 -0.72 -12.04 5.02
CE MSE C 51 -0.31 -10.63 3.78
N ASP C 52 2.82 -13.40 0.74
CA ASP C 52 4.15 -13.77 0.28
C ASP C 52 5.01 -12.59 -0.19
N SER C 53 4.43 -11.41 -0.30
CA SER C 53 5.21 -10.25 -0.76
C SER C 53 4.98 -9.01 0.09
N GLY C 54 3.95 -9.04 0.92
CA GLY C 54 3.63 -7.90 1.75
C GLY C 54 3.03 -6.77 0.93
N THR C 55 2.79 -7.03 -0.34
CA THR C 55 2.20 -6.02 -1.21
C THR C 55 0.72 -5.81 -0.87
N VAL C 56 0.29 -4.56 -0.76
CA VAL C 56 -1.11 -4.25 -0.46
C VAL C 56 -1.84 -4.29 -1.80
N LEU C 57 -2.70 -5.29 -1.97
CA LEU C 57 -3.44 -5.48 -3.22
C LEU C 57 -4.61 -4.50 -3.36
N PHE C 58 -5.15 -4.09 -2.23
CA PHE C 58 -6.26 -3.15 -2.21
C PHE C 58 -6.47 -2.65 -0.81
N GLU C 59 -6.83 -1.38 -0.69
CA GLU C 59 -7.15 -0.80 0.60
C GLU C 59 -8.09 0.38 0.45
N ILE C 60 -9.02 0.50 1.37
CA ILE C 60 -9.96 1.61 1.35
C ILE C 60 -10.36 1.95 2.78
N LYS C 61 -10.49 3.23 3.04
CA LYS C 61 -10.91 3.71 4.36
C LYS C 61 -12.10 4.62 4.12
N LYS C 62 -13.12 4.44 4.97
CA LYS C 62 -14.35 5.20 4.87
C LYS C 62 -14.40 6.36 5.87
N PRO C 63 -15.07 7.46 5.48
CA PRO C 63 -15.19 8.61 6.39
C PRO C 63 -16.17 8.34 7.54
N PRO C 64 -17.29 7.63 7.29
CA PRO C 64 -17.72 7.02 6.02
C PRO C 64 -18.91 7.79 5.44
N PRO C 78 -29.35 2.82 -5.17
CA PRO C 78 -30.20 1.62 -5.18
C PRO C 78 -29.45 0.39 -4.69
N ASN C 79 -28.18 0.28 -5.10
CA ASN C 79 -27.35 -0.82 -4.62
C ASN C 79 -27.05 -0.41 -3.17
N ALA C 80 -27.05 0.90 -2.97
CA ALA C 80 -26.81 1.50 -1.67
C ALA C 80 -25.45 1.14 -1.07
N GLY C 81 -24.39 1.38 -1.82
CA GLY C 81 -23.05 1.09 -1.35
C GLY C 81 -22.79 -0.37 -0.98
N ARG C 82 -23.61 -1.27 -1.52
CA ARG C 82 -23.47 -2.69 -1.25
C ARG C 82 -22.76 -3.46 -2.34
N PHE C 83 -22.47 -2.80 -3.46
CA PHE C 83 -21.78 -3.44 -4.57
C PHE C 83 -20.45 -2.73 -4.82
N VAL C 84 -19.40 -3.51 -5.01
CA VAL C 84 -18.08 -2.94 -5.28
C VAL C 84 -17.41 -3.65 -6.44
N ARG C 85 -16.73 -2.89 -7.29
CA ARG C 85 -16.03 -3.46 -8.42
C ARG C 85 -14.53 -3.40 -8.13
N TYR C 86 -13.85 -4.53 -8.30
CA TYR C 86 -12.42 -4.62 -8.06
C TYR C 86 -11.61 -4.80 -9.34
N GLN C 87 -10.46 -4.16 -9.37
CA GLN C 87 -9.54 -4.25 -10.52
C GLN C 87 -8.22 -4.78 -9.99
N PHE C 88 -7.92 -6.05 -10.29
CA PHE C 88 -6.67 -6.65 -9.87
C PHE C 88 -5.87 -7.04 -11.12
N THR C 89 -4.67 -7.57 -10.92
CA THR C 89 -3.80 -7.97 -12.02
C THR C 89 -3.89 -9.48 -12.24
N PRO C 90 -3.33 -9.97 -13.36
CA PRO C 90 -3.34 -11.41 -13.66
C PRO C 90 -2.63 -12.23 -12.59
N ALA C 91 -1.63 -11.61 -11.96
CA ALA C 91 -0.83 -12.26 -10.92
C ALA C 91 -1.67 -12.63 -9.70
N PHE C 92 -2.71 -11.84 -9.47
CA PHE C 92 -3.59 -12.08 -8.33
C PHE C 92 -4.15 -13.51 -8.34
N LEU C 93 -4.43 -14.02 -9.53
CA LEU C 93 -4.98 -15.37 -9.67
C LEU C 93 -3.99 -16.48 -9.35
N ARG C 94 -2.73 -16.13 -9.12
CA ARG C 94 -1.73 -17.15 -8.79
C ARG C 94 -1.22 -16.99 -7.37
N LEU C 95 -1.87 -16.13 -6.60
CA LEU C 95 -1.45 -15.94 -5.21
C LEU C 95 -1.78 -17.17 -4.37
N ARG C 96 -1.00 -17.37 -3.31
CA ARG C 96 -1.22 -18.50 -2.42
C ARG C 96 -2.12 -18.10 -1.25
N GLN C 97 -1.82 -16.97 -0.63
CA GLN C 97 -2.58 -16.54 0.55
C GLN C 97 -2.60 -15.03 0.73
N VAL C 98 -3.77 -14.48 1.03
CA VAL C 98 -3.88 -13.05 1.26
C VAL C 98 -4.47 -12.78 2.64
N GLY C 99 -3.99 -11.74 3.29
CA GLY C 99 -4.49 -11.38 4.60
C GLY C 99 -5.41 -10.19 4.45
N ALA C 100 -6.62 -10.32 4.99
CA ALA C 100 -7.59 -9.26 4.92
C ALA C 100 -7.75 -8.62 6.30
N THR C 101 -7.71 -7.30 6.34
CA THR C 101 -7.88 -6.57 7.58
C THR C 101 -9.15 -5.75 7.46
N VAL C 102 -10.04 -5.90 8.44
CA VAL C 102 -11.29 -5.18 8.42
C VAL C 102 -11.49 -4.42 9.72
N GLU C 103 -11.97 -3.19 9.60
CA GLU C 103 -12.27 -2.35 10.75
C GLU C 103 -13.75 -2.02 10.63
N PHE C 104 -14.48 -2.14 11.72
CA PHE C 104 -15.90 -1.86 11.68
C PHE C 104 -16.40 -1.40 13.05
N THR C 105 -17.47 -0.61 13.05
CA THR C 105 -18.06 -0.18 14.31
C THR C 105 -19.39 -0.92 14.42
N VAL C 106 -19.92 -1.01 15.64
CA VAL C 106 -21.23 -1.63 15.86
C VAL C 106 -22.00 -0.73 16.82
N GLY C 107 -23.31 -0.85 16.81
CA GLY C 107 -24.14 -0.04 17.69
C GLY C 107 -24.11 -0.48 19.14
N ASP C 108 -25.14 -0.08 19.88
CA ASP C 108 -25.28 -0.38 21.30
C ASP C 108 -25.60 -1.84 21.60
N LYS C 109 -26.51 -2.42 20.83
CA LYS C 109 -26.90 -3.82 21.02
C LYS C 109 -25.74 -4.77 20.84
N PRO C 110 -25.62 -5.76 21.75
CA PRO C 110 -24.54 -6.74 21.68
C PRO C 110 -24.64 -7.51 20.36
N VAL C 111 -23.50 -7.97 19.84
CA VAL C 111 -23.49 -8.73 18.59
C VAL C 111 -22.88 -10.10 18.85
N ASN C 112 -23.72 -11.14 18.76
CA ASN C 112 -23.27 -12.50 19.01
C ASN C 112 -23.01 -13.33 17.77
N ASN C 113 -21.92 -14.07 17.79
CA ASN C 113 -21.52 -14.94 16.68
C ASN C 113 -21.52 -14.23 15.33
N PHE C 114 -20.96 -13.01 15.30
CA PHE C 114 -20.86 -12.26 14.05
C PHE C 114 -20.00 -13.11 13.12
N ARG C 115 -20.57 -13.48 11.98
CA ARG C 115 -19.93 -14.38 11.05
C ARG C 115 -20.13 -13.96 9.59
N MSE C 116 -19.15 -14.26 8.75
CA MSE C 116 -19.29 -13.93 7.34
C MSE C 116 -18.97 -15.14 6.49
O MSE C 116 -18.02 -15.87 6.75
CB MSE C 116 -18.33 -12.80 6.92
CG MSE C 116 -18.49 -12.42 5.44
SE MSE C 116 -16.96 -11.46 4.68
CE MSE C 116 -15.66 -12.89 4.75
N ILE C 117 -19.81 -15.37 5.48
CA ILE C 117 -19.59 -16.45 4.55
C ILE C 117 -19.52 -15.74 3.21
N GLU C 118 -18.38 -15.88 2.54
CA GLU C 118 -18.16 -15.23 1.25
C GLU C 118 -17.89 -16.29 0.20
N ARG C 119 -18.66 -16.24 -0.88
CA ARG C 119 -18.55 -17.20 -1.97
C ARG C 119 -18.21 -16.53 -3.29
N HIS C 120 -17.18 -17.07 -3.96
CA HIS C 120 -16.72 -16.53 -5.24
C HIS C 120 -17.04 -17.49 -6.38
N TYR C 121 -17.59 -16.95 -7.46
CA TYR C 121 -17.96 -17.76 -8.61
C TYR C 121 -17.48 -17.18 -9.93
N PHE C 122 -17.18 -18.07 -10.89
CA PHE C 122 -16.85 -17.64 -12.22
C PHE C 122 -17.85 -18.39 -13.10
N ARG C 123 -18.73 -17.65 -13.77
CA ARG C 123 -19.73 -18.25 -14.64
C ARG C 123 -20.52 -19.38 -13.97
N ASN C 124 -21.12 -19.08 -12.81
CA ASN C 124 -21.93 -20.04 -12.08
C ASN C 124 -21.18 -21.28 -11.62
N GLN C 125 -19.87 -21.13 -11.41
CA GLN C 125 -19.03 -22.21 -10.92
C GLN C 125 -18.37 -21.69 -9.66
N LEU C 126 -18.59 -22.34 -8.53
CA LEU C 126 -17.99 -21.93 -7.27
C LEU C 126 -16.48 -22.13 -7.32
N LEU C 127 -15.74 -21.06 -7.02
CA LEU C 127 -14.29 -21.13 -7.03
C LEU C 127 -13.87 -21.51 -5.61
N LYS C 128 -14.48 -20.85 -4.63
CA LYS C 128 -14.22 -21.14 -3.23
C LYS C 128 -15.12 -20.35 -2.30
N SER C 129 -15.38 -20.92 -1.12
CA SER C 129 -16.21 -20.29 -0.11
C SER C 129 -15.37 -20.10 1.14
N PHE C 130 -15.45 -18.92 1.73
CA PHE C 130 -14.70 -18.63 2.95
C PHE C 130 -15.71 -18.42 4.06
N ASP C 131 -15.39 -18.92 5.25
CA ASP C 131 -16.28 -18.83 6.40
C ASP C 131 -15.44 -18.30 7.55
N PHE C 132 -15.69 -17.07 7.99
CA PHE C 132 -14.92 -16.48 9.09
C PHE C 132 -15.78 -15.97 10.22
N HIS C 133 -15.24 -16.04 11.44
CA HIS C 133 -15.91 -15.51 12.61
C HIS C 133 -15.14 -14.25 13.02
N PHE C 134 -15.85 -13.23 13.46
CA PHE C 134 -15.21 -11.97 13.85
C PHE C 134 -14.88 -11.90 15.34
N GLY C 135 -15.26 -12.91 16.10
CA GLY C 135 -14.99 -12.90 17.53
C GLY C 135 -15.84 -11.87 18.25
N PHE C 136 -15.39 -11.47 19.43
CA PHE C 136 -16.12 -10.50 20.25
C PHE C 136 -16.20 -9.11 19.62
N CYS C 137 -17.39 -8.54 19.58
CA CYS C 137 -17.58 -7.21 19.03
C CYS C 137 -17.87 -6.22 20.16
N ILE C 138 -17.01 -5.22 20.30
CA ILE C 138 -17.16 -4.21 21.34
C ILE C 138 -18.25 -3.23 20.96
N PRO C 139 -19.42 -3.32 21.60
CA PRO C 139 -20.52 -2.41 21.29
C PRO C 139 -20.14 -0.94 21.41
N SER C 140 -20.70 -0.11 20.52
CA SER C 140 -20.43 1.33 20.50
C SER C 140 -18.97 1.65 20.24
N SER C 141 -18.24 0.73 19.63
CA SER C 141 -16.82 0.93 19.39
C SER C 141 -16.29 0.36 18.07
N LYS C 142 -15.10 0.80 17.68
CA LYS C 142 -14.47 0.31 16.46
C LYS C 142 -13.83 -1.04 16.78
N ASN C 143 -13.98 -1.97 15.84
CA ASN C 143 -13.41 -3.30 16.01
C ASN C 143 -12.48 -3.58 14.82
N THR C 144 -11.42 -4.33 15.07
CA THR C 144 -10.47 -4.67 14.03
C THR C 144 -10.28 -6.17 14.03
N CYS C 145 -10.31 -6.77 12.84
CA CYS C 145 -10.16 -8.21 12.70
C CYS C 145 -9.35 -8.57 11.46
N GLU C 146 -8.51 -9.59 11.57
CA GLU C 146 -7.71 -10.02 10.43
C GLU C 146 -8.12 -11.45 10.10
N HIS C 147 -8.37 -11.70 8.82
CA HIS C 147 -8.74 -13.03 8.36
C HIS C 147 -7.77 -13.43 7.25
N ILE C 148 -7.45 -14.72 7.18
CA ILE C 148 -6.52 -15.24 6.18
C ILE C 148 -7.29 -16.02 5.11
N TYR C 149 -7.14 -15.60 3.85
CA TYR C 149 -7.79 -16.24 2.72
C TYR C 149 -6.82 -17.17 2.01
N ASP C 150 -7.07 -18.48 2.05
CA ASP C 150 -6.20 -19.40 1.32
C ASP C 150 -6.85 -19.61 -0.05
N PHE C 151 -6.16 -19.18 -1.11
CA PHE C 151 -6.69 -19.29 -2.45
C PHE C 151 -6.70 -20.71 -2.99
N PRO C 152 -7.78 -21.07 -3.71
CA PRO C 152 -7.88 -22.42 -4.27
C PRO C 152 -6.94 -22.49 -5.47
N PRO C 153 -6.48 -23.70 -5.81
CA PRO C 153 -5.59 -23.84 -6.96
C PRO C 153 -6.44 -23.77 -8.22
N LEU C 154 -6.28 -22.72 -9.01
CA LEU C 154 -7.08 -22.57 -10.22
C LEU C 154 -6.40 -23.23 -11.41
N SER C 155 -7.19 -23.93 -12.22
CA SER C 155 -6.65 -24.61 -13.41
C SER C 155 -6.23 -23.53 -14.42
N GLU C 156 -5.32 -23.87 -15.32
CA GLU C 156 -4.85 -22.90 -16.32
C GLU C 156 -6.01 -22.36 -17.17
N GLU C 157 -6.91 -23.25 -17.58
CA GLU C 157 -8.05 -22.82 -18.40
C GLU C 157 -8.92 -21.79 -17.68
N LEU C 158 -9.14 -22.01 -16.38
CA LEU C 158 -9.94 -21.11 -15.58
C LEU C 158 -9.26 -19.74 -15.48
N ILE C 159 -7.96 -19.75 -15.19
CA ILE C 159 -7.20 -18.51 -15.07
C ILE C 159 -7.26 -17.73 -16.38
N SER C 160 -7.07 -18.43 -17.50
CA SER C 160 -7.11 -17.79 -18.82
C SER C 160 -8.47 -17.13 -19.07
N GLU C 161 -9.53 -17.86 -18.77
CA GLU C 161 -10.89 -17.36 -18.98
C GLU C 161 -11.22 -16.18 -18.09
N MSE C 162 -10.79 -16.25 -16.82
CA MSE C 162 -11.07 -15.18 -15.88
C MSE C 162 -10.38 -13.89 -16.30
O MSE C 162 -10.90 -12.80 -16.07
CB MSE C 162 -10.63 -15.61 -14.48
CG MSE C 162 -11.52 -16.72 -13.92
SE MSE C 162 -10.84 -17.51 -12.31
CE MSE C 162 -11.25 -16.06 -11.08
N ILE C 163 -9.21 -14.02 -16.91
CA ILE C 163 -8.46 -12.86 -17.37
C ILE C 163 -9.14 -12.26 -18.60
N ARG C 164 -9.58 -13.15 -19.48
CA ARG C 164 -10.23 -12.79 -20.74
C ARG C 164 -11.62 -12.21 -20.54
N HIS C 165 -12.26 -12.53 -19.42
CA HIS C 165 -13.61 -12.06 -19.16
C HIS C 165 -13.77 -11.28 -17.87
N PRO C 166 -13.33 -10.03 -17.87
CA PRO C 166 -13.44 -9.19 -16.68
C PRO C 166 -14.88 -9.03 -16.19
N TYR C 167 -15.05 -9.07 -14.87
CA TYR C 167 -16.34 -8.90 -14.20
C TYR C 167 -17.30 -10.06 -14.28
N GLU C 168 -16.87 -11.17 -14.86
CA GLU C 168 -17.72 -12.35 -14.91
C GLU C 168 -17.41 -13.21 -13.69
N THR C 169 -16.39 -12.77 -12.92
CA THR C 169 -16.05 -13.43 -11.66
C THR C 169 -16.79 -12.55 -10.66
N GLN C 170 -17.63 -13.14 -9.81
CA GLN C 170 -18.42 -12.37 -8.87
C GLN C 170 -18.48 -13.04 -7.51
N SER C 171 -18.77 -12.26 -6.48
CA SER C 171 -18.85 -12.82 -5.13
C SER C 171 -20.05 -12.30 -4.35
N ASP C 172 -20.48 -13.10 -3.37
CA ASP C 172 -21.58 -12.76 -2.48
C ASP C 172 -20.98 -12.83 -1.08
N SER C 173 -21.13 -11.77 -0.30
CA SER C 173 -20.63 -11.77 1.08
C SER C 173 -21.85 -11.71 2.00
N PHE C 174 -22.08 -12.80 2.72
CA PHE C 174 -23.23 -12.88 3.63
C PHE C 174 -22.78 -12.70 5.07
N TYR C 175 -23.42 -11.78 5.79
CA TYR C 175 -23.05 -11.53 7.18
C TYR C 175 -24.19 -11.95 8.10
N PHE C 176 -23.85 -12.71 9.13
CA PHE C 176 -24.83 -13.20 10.08
C PHE C 176 -24.53 -12.80 11.52
N VAL C 177 -25.59 -12.62 12.30
CA VAL C 177 -25.48 -12.34 13.73
C VAL C 177 -26.50 -13.30 14.35
N ASP C 178 -26.04 -14.19 15.22
CA ASP C 178 -26.91 -15.18 15.84
C ASP C 178 -27.56 -16.07 14.79
N ASP C 179 -26.79 -16.43 13.76
CA ASP C 179 -27.27 -17.30 12.69
C ASP C 179 -28.37 -16.69 11.83
N ARG C 180 -28.55 -15.38 11.92
CA ARG C 180 -29.54 -14.68 11.11
C ARG C 180 -28.84 -13.68 10.17
N LEU C 181 -29.28 -13.63 8.92
CA LEU C 181 -28.69 -12.73 7.93
C LEU C 181 -28.97 -11.25 8.21
N VAL C 182 -27.92 -10.46 8.39
CA VAL C 182 -28.10 -9.03 8.66
C VAL C 182 -27.52 -8.13 7.56
N MSE C 183 -26.60 -8.66 6.76
CA MSE C 183 -25.98 -7.91 5.67
C MSE C 183 -25.62 -8.81 4.50
O MSE C 183 -25.26 -9.96 4.70
CB MSE C 183 -24.72 -7.20 6.16
CG MSE C 183 -24.93 -5.90 6.90
SE MSE C 183 -23.21 -5.15 7.42
CE MSE C 183 -22.35 -5.15 5.68
N HIS C 184 -25.70 -8.26 3.29
CA HIS C 184 -25.36 -9.00 2.07
C HIS C 184 -24.75 -8.01 1.09
N ASN C 185 -23.46 -8.16 0.83
CA ASN C 185 -22.74 -7.29 -0.10
C ASN C 185 -22.35 -8.08 -1.35
N LYS C 186 -22.21 -7.40 -2.48
CA LYS C 186 -21.85 -8.07 -3.72
C LYS C 186 -20.64 -7.39 -4.36
N ALA C 187 -19.94 -8.12 -5.23
CA ALA C 187 -18.79 -7.57 -5.92
C ALA C 187 -18.46 -8.32 -7.21
N ASP C 188 -17.78 -7.64 -8.13
CA ASP C 188 -17.32 -8.34 -9.33
C ASP C 188 -15.85 -7.99 -9.52
N TYR C 189 -15.13 -8.81 -10.29
CA TYR C 189 -13.70 -8.63 -10.41
C TYR C 189 -13.12 -8.70 -11.80
N SER C 190 -12.08 -7.90 -12.02
CA SER C 190 -11.34 -7.91 -13.27
C SER C 190 -9.89 -8.24 -12.90
N TYR C 191 -9.26 -9.09 -13.70
CA TYR C 191 -7.87 -9.46 -13.47
C TYR C 191 -7.08 -9.04 -14.70
N SER C 192 -7.57 -8.00 -15.36
CA SER C 192 -6.95 -7.50 -16.58
C SER C 192 -5.90 -6.46 -16.20
N GLY C 193 -5.41 -5.74 -17.21
CA GLY C 193 -4.40 -4.72 -16.97
C GLY C 193 -4.78 -3.73 -15.88
N LYS D 12 35.70 -9.68 -39.92
CA LYS D 12 34.62 -8.80 -39.36
C LYS D 12 33.84 -8.14 -40.51
N GLN D 13 32.66 -8.67 -40.80
CA GLN D 13 31.85 -8.18 -41.90
C GLN D 13 30.71 -7.21 -41.54
N PRO D 14 30.22 -6.45 -42.55
CA PRO D 14 29.14 -5.47 -42.41
C PRO D 14 27.82 -6.21 -42.21
N ILE D 15 26.82 -5.54 -41.65
CA ILE D 15 25.53 -6.18 -41.39
C ILE D 15 24.39 -5.67 -42.25
N GLY D 16 23.81 -6.59 -43.02
CA GLY D 16 22.70 -6.25 -43.90
C GLY D 16 21.44 -7.00 -43.51
N PRO D 17 20.31 -6.74 -44.20
CA PRO D 17 19.02 -7.39 -43.92
C PRO D 17 19.10 -8.91 -43.81
N GLU D 18 19.78 -9.52 -44.77
CA GLU D 18 19.92 -10.98 -44.78
C GLU D 18 20.58 -11.51 -43.52
N ASP D 19 21.36 -10.67 -42.85
CA ASP D 19 22.03 -11.11 -41.62
C ASP D 19 21.11 -11.15 -40.40
N VAL D 20 19.94 -10.52 -40.48
CA VAL D 20 19.02 -10.52 -39.34
C VAL D 20 17.69 -11.21 -39.61
N LEU D 21 17.34 -11.35 -40.89
CA LEU D 21 16.08 -11.97 -41.26
C LEU D 21 15.93 -13.43 -40.85
N GLY D 22 17.03 -14.06 -40.45
CA GLY D 22 16.97 -15.45 -40.04
C GLY D 22 17.34 -15.69 -38.57
N LEU D 23 17.51 -14.62 -37.79
CA LEU D 23 17.87 -14.77 -36.38
C LEU D 23 16.79 -15.48 -35.60
N GLN D 24 17.19 -16.39 -34.71
CA GLN D 24 16.24 -17.16 -33.92
C GLN D 24 16.32 -16.81 -32.44
N ARG D 25 17.13 -15.82 -32.10
CA ARG D 25 17.28 -15.38 -30.72
C ARG D 25 17.52 -13.88 -30.68
N ILE D 26 17.14 -13.26 -29.57
CA ILE D 26 17.37 -11.84 -29.38
C ILE D 26 18.91 -11.71 -29.36
N THR D 27 19.47 -10.62 -29.90
CA THR D 27 20.93 -10.48 -29.91
C THR D 27 21.49 -10.22 -28.51
N GLY D 28 22.74 -10.63 -28.30
CA GLY D 28 23.39 -10.43 -27.00
C GLY D 28 23.96 -9.03 -26.76
N ASP D 29 23.94 -8.19 -27.79
CA ASP D 29 24.44 -6.82 -27.66
C ASP D 29 23.91 -6.06 -28.85
N TYR D 30 24.04 -4.74 -28.84
CA TYR D 30 23.60 -3.96 -29.99
C TYR D 30 24.55 -4.30 -31.15
N LEU D 31 24.00 -4.39 -32.35
CA LEU D 31 24.78 -4.74 -33.54
C LEU D 31 25.50 -3.55 -34.18
N CYS D 32 25.20 -2.36 -33.71
CA CYS D 32 25.84 -1.17 -34.23
C CYS D 32 25.90 -0.14 -33.12
N SER D 33 26.74 0.87 -33.29
CA SER D 33 26.89 1.93 -32.30
C SER D 33 26.02 3.11 -32.68
N PRO D 34 25.80 4.03 -31.73
CA PRO D 34 24.97 5.21 -31.99
C PRO D 34 25.54 6.04 -33.14
N GLU D 35 26.87 6.04 -33.25
CA GLU D 35 27.56 6.82 -34.27
C GLU D 35 27.33 6.35 -35.70
N GLU D 36 26.84 5.14 -35.86
CA GLU D 36 26.59 4.63 -37.21
C GLU D 36 25.32 5.25 -37.81
N ASN D 37 24.57 5.97 -36.98
CA ASN D 37 23.36 6.65 -37.44
C ASN D 37 23.79 7.96 -38.11
N ILE D 38 24.50 7.85 -39.22
CA ILE D 38 25.02 9.03 -39.93
C ILE D 38 23.97 9.86 -40.64
N TYR D 39 22.76 9.31 -40.76
CA TYR D 39 21.68 10.03 -41.43
C TYR D 39 20.86 10.85 -40.45
N LYS D 40 21.28 10.82 -39.18
CA LYS D 40 20.60 11.57 -38.12
C LYS D 40 19.10 11.30 -38.07
N ILE D 41 18.73 10.03 -38.15
CA ILE D 41 17.33 9.66 -38.07
C ILE D 41 16.97 9.65 -36.58
N ASP D 42 15.88 10.32 -36.25
CA ASP D 42 15.45 10.42 -34.86
C ASP D 42 13.94 10.34 -34.79
N PHE D 43 13.43 9.28 -34.16
CA PHE D 43 11.99 9.11 -34.02
C PHE D 43 11.48 9.99 -32.90
N VAL D 44 10.45 10.79 -33.20
CA VAL D 44 9.91 11.72 -32.22
C VAL D 44 8.46 11.46 -31.83
N ARG D 45 7.80 10.51 -32.48
CA ARG D 45 6.43 10.18 -32.12
C ARG D 45 6.11 8.75 -32.55
N PHE D 46 5.45 8.02 -31.65
CA PHE D 46 5.08 6.63 -31.90
C PHE D 46 3.70 6.42 -31.29
N LYS D 47 2.77 5.94 -32.10
CA LYS D 47 1.41 5.70 -31.63
C LYS D 47 0.83 4.43 -32.24
N ILE D 48 0.24 3.59 -31.40
CA ILE D 48 -0.37 2.38 -31.92
C ILE D 48 -1.84 2.33 -31.56
N ARG D 49 -2.64 2.00 -32.57
CA ARG D 49 -4.09 1.96 -32.48
C ARG D 49 -4.61 0.56 -32.79
N ASP D 50 -5.56 0.07 -31.98
CA ASP D 50 -6.13 -1.26 -32.23
C ASP D 50 -7.14 -1.05 -33.36
N MSE D 51 -6.91 -1.69 -34.50
CA MSE D 51 -7.78 -1.51 -35.66
C MSE D 51 -9.19 -2.06 -35.47
O MSE D 51 -10.07 -1.80 -36.30
CB MSE D 51 -7.12 -2.11 -36.91
CG MSE D 51 -5.74 -1.51 -37.22
SE MSE D 51 -5.84 0.44 -37.44
CE MSE D 51 -4.57 1.04 -36.14
N ASP D 52 -9.43 -2.78 -34.39
CA ASP D 52 -10.77 -3.31 -34.15
C ASP D 52 -11.55 -2.53 -33.09
N SER D 53 -10.90 -1.59 -32.43
CA SER D 53 -11.58 -0.82 -31.39
C SER D 53 -11.29 0.68 -31.46
N GLY D 54 -10.26 1.07 -32.19
CA GLY D 54 -9.91 2.48 -32.27
C GLY D 54 -9.19 2.92 -31.02
N THR D 55 -8.99 2.00 -30.09
CA THR D 55 -8.31 2.34 -28.86
C THR D 55 -6.82 2.62 -29.12
N VAL D 56 -6.32 3.72 -28.57
CA VAL D 56 -4.91 4.04 -28.70
C VAL D 56 -4.24 3.23 -27.58
N LEU D 57 -3.56 2.17 -27.96
CA LEU D 57 -2.92 1.26 -26.99
C LEU D 57 -1.68 1.84 -26.31
N PHE D 58 -0.98 2.73 -27.00
CA PHE D 58 0.22 3.35 -26.46
C PHE D 58 0.55 4.55 -27.34
N GLU D 59 1.15 5.57 -26.75
CA GLU D 59 1.53 6.75 -27.50
C GLU D 59 2.61 7.50 -26.75
N ILE D 60 3.63 7.94 -27.46
CA ILE D 60 4.70 8.70 -26.83
C ILE D 60 5.23 9.73 -27.81
N LYS D 61 5.32 10.97 -27.33
CA LYS D 61 5.82 12.05 -28.14
C LYS D 61 7.19 12.38 -27.55
N LYS D 62 8.10 12.82 -28.41
CA LYS D 62 9.43 13.21 -27.98
C LYS D 62 9.48 14.70 -28.30
N PRO D 63 8.90 15.53 -27.42
CA PRO D 63 8.88 16.99 -27.61
C PRO D 63 10.26 17.63 -27.53
N PRO D 64 10.33 18.95 -27.76
CA PRO D 64 11.62 19.65 -27.70
C PRO D 64 12.34 19.32 -26.40
N VAL D 65 11.59 19.29 -25.30
CA VAL D 65 12.13 18.98 -23.99
C VAL D 65 11.54 17.70 -23.45
N SER D 66 12.40 16.76 -23.08
CA SER D 66 11.96 15.49 -22.53
C SER D 66 11.05 15.69 -21.32
N GLU D 67 10.03 14.83 -21.22
CA GLU D 67 9.09 14.89 -20.12
C GLU D 67 9.63 14.08 -18.94
N ARG D 68 10.69 13.31 -19.19
CA ARG D 68 11.28 12.48 -18.15
C ARG D 68 12.80 12.67 -18.06
N LEU D 69 13.23 13.90 -17.84
CA LEU D 69 14.65 14.19 -17.72
C LEU D 69 15.24 13.58 -16.46
N PRO D 70 16.49 13.12 -16.54
CA PRO D 70 17.09 12.54 -15.33
C PRO D 70 17.34 13.73 -14.41
N ILE D 71 17.01 13.59 -13.12
CA ILE D 71 17.19 14.68 -12.18
C ILE D 71 18.60 14.81 -11.63
N ASN D 72 19.09 13.74 -11.02
CA ASN D 72 20.42 13.75 -10.41
C ASN D 72 21.54 13.36 -11.34
N ARG D 73 22.74 13.84 -11.00
CA ARG D 73 23.94 13.56 -11.78
C ARG D 73 24.05 12.05 -12.00
N ARG D 74 24.14 11.65 -13.27
CA ARG D 74 24.29 10.25 -13.65
C ARG D 74 23.01 9.42 -13.57
N ASP D 75 21.88 10.05 -13.30
CA ASP D 75 20.62 9.31 -13.25
C ASP D 75 20.31 8.75 -14.63
N LEU D 76 19.51 7.69 -14.67
CA LEU D 76 19.16 7.06 -15.94
C LEU D 76 18.14 7.88 -16.72
N ASP D 77 18.41 8.05 -18.01
CA ASP D 77 17.50 8.77 -18.89
C ASP D 77 17.19 7.95 -20.13
N PRO D 78 15.90 7.73 -20.40
CA PRO D 78 15.46 6.97 -21.57
C PRO D 78 15.35 7.86 -22.80
N GLY D 81 19.59 5.88 -24.98
CA GLY D 81 18.16 5.64 -25.08
C GLY D 81 17.80 4.71 -26.22
N ARG D 82 18.36 3.50 -26.21
CA ARG D 82 18.08 2.53 -27.26
C ARG D 82 17.26 1.35 -26.75
N PHE D 83 16.90 1.39 -25.48
CA PHE D 83 16.09 0.33 -24.88
C PHE D 83 14.81 0.89 -24.29
N VAL D 84 13.68 0.25 -24.58
CA VAL D 84 12.42 0.70 -24.04
C VAL D 84 11.65 -0.48 -23.44
N ARG D 85 11.00 -0.23 -22.31
CA ARG D 85 10.19 -1.23 -21.64
C ARG D 85 8.73 -0.84 -21.85
N TYR D 86 7.93 -1.80 -22.32
CA TYR D 86 6.50 -1.54 -22.56
C TYR D 86 5.62 -2.27 -21.56
N GLN D 87 4.58 -1.58 -21.11
CA GLN D 87 3.63 -2.14 -20.15
C GLN D 87 2.29 -2.22 -20.84
N PHE D 88 1.95 -3.41 -21.34
CA PHE D 88 0.68 -3.63 -22.01
C PHE D 88 -0.24 -4.51 -21.16
N THR D 89 -1.43 -4.80 -21.66
CA THR D 89 -2.39 -5.61 -20.92
C THR D 89 -2.58 -6.98 -21.59
N PRO D 90 -3.19 -7.94 -20.87
CA PRO D 90 -3.41 -9.27 -21.42
C PRO D 90 -4.17 -9.26 -22.74
N ALA D 91 -5.05 -8.29 -22.91
CA ALA D 91 -5.87 -8.18 -24.11
C ALA D 91 -5.03 -7.90 -25.36
N PHE D 92 -3.85 -7.33 -25.15
CA PHE D 92 -2.96 -7.01 -26.25
C PHE D 92 -2.57 -8.27 -27.01
N LEU D 93 -2.42 -9.37 -26.26
CA LEU D 93 -2.02 -10.64 -26.82
C LEU D 93 -3.08 -11.31 -27.68
N ARG D 94 -4.28 -10.75 -27.68
CA ARG D 94 -5.36 -11.33 -28.48
C ARG D 94 -5.77 -10.41 -29.64
N LEU D 95 -5.01 -9.34 -29.83
CA LEU D 95 -5.29 -8.40 -30.91
C LEU D 95 -5.06 -9.02 -32.29
N ARG D 96 -5.83 -8.53 -33.27
CA ARG D 96 -5.72 -9.01 -34.64
C ARG D 96 -4.80 -8.12 -35.47
N GLN D 97 -5.05 -6.83 -35.42
CA GLN D 97 -4.27 -5.88 -36.21
C GLN D 97 -4.12 -4.55 -35.51
N VAL D 98 -2.91 -4.00 -35.59
CA VAL D 98 -2.59 -2.73 -34.97
C VAL D 98 -1.94 -1.81 -35.99
N GLY D 99 -2.33 -0.54 -35.96
CA GLY D 99 -1.75 0.42 -36.88
C GLY D 99 -0.84 1.33 -36.10
N ALA D 100 0.42 1.38 -36.50
CA ALA D 100 1.38 2.22 -35.83
C ALA D 100 1.67 3.46 -36.67
N THR D 101 1.69 4.61 -36.01
CA THR D 101 2.00 5.85 -36.69
C THR D 101 3.31 6.33 -36.08
N VAL D 102 4.32 6.57 -36.91
CA VAL D 102 5.61 7.04 -36.42
C VAL D 102 6.02 8.31 -37.14
N GLU D 103 6.58 9.24 -36.38
CA GLU D 103 7.06 10.50 -36.93
C GLU D 103 8.55 10.54 -36.64
N PHE D 104 9.35 10.93 -37.61
CA PHE D 104 10.78 11.00 -37.41
C PHE D 104 11.41 12.11 -38.22
N THR D 105 12.54 12.61 -37.75
CA THR D 105 13.25 13.65 -38.46
C THR D 105 14.46 13.00 -39.13
N VAL D 106 14.92 13.63 -40.20
CA VAL D 106 16.08 13.14 -40.93
C VAL D 106 17.03 14.33 -41.13
N GLY D 107 18.31 14.05 -41.25
CA GLY D 107 19.31 15.10 -41.46
C GLY D 107 19.40 15.56 -42.91
N ASP D 108 20.51 16.22 -43.23
CA ASP D 108 20.77 16.78 -44.57
C ASP D 108 21.05 15.75 -45.66
N LYS D 109 21.65 14.63 -45.27
CA LYS D 109 21.98 13.57 -46.24
C LYS D 109 20.74 12.83 -46.70
N PRO D 110 20.61 12.63 -48.01
CA PRO D 110 19.45 11.91 -48.54
C PRO D 110 19.42 10.49 -47.98
N VAL D 111 18.23 10.01 -47.65
CA VAL D 111 18.08 8.66 -47.14
C VAL D 111 17.32 7.87 -48.20
N ASN D 112 17.94 6.81 -48.70
CA ASN D 112 17.32 5.99 -49.72
C ASN D 112 17.16 4.55 -49.22
N ASN D 113 16.03 3.94 -49.53
CA ASN D 113 15.81 2.55 -49.14
C ASN D 113 15.84 2.38 -47.61
N PHE D 114 15.08 3.19 -46.90
CA PHE D 114 15.01 3.12 -45.43
C PHE D 114 14.10 1.94 -45.10
N ARG D 115 14.57 1.05 -44.22
CA ARG D 115 13.85 -0.18 -43.91
C ARG D 115 14.03 -0.63 -42.47
N MSE D 116 12.98 -1.21 -41.89
CA MSE D 116 13.05 -1.71 -40.51
C MSE D 116 12.58 -3.15 -40.43
O MSE D 116 11.57 -3.53 -41.03
CB MSE D 116 12.19 -0.86 -39.55
CG MSE D 116 12.19 -1.42 -38.11
SE MSE D 116 10.88 -0.62 -36.90
CE MSE D 116 9.28 -1.36 -37.69
N ILE D 117 13.34 -3.96 -39.71
CA ILE D 117 13.01 -5.37 -39.49
C ILE D 117 12.95 -5.50 -37.98
N GLU D 118 11.76 -5.76 -37.46
CA GLU D 118 11.55 -5.86 -36.02
C GLU D 118 11.18 -7.30 -35.68
N ARG D 119 11.96 -7.91 -34.81
CA ARG D 119 11.74 -9.30 -34.43
C ARG D 119 11.41 -9.45 -32.95
N HIS D 120 10.34 -10.18 -32.69
CA HIS D 120 9.83 -10.42 -31.33
C HIS D 120 10.00 -11.88 -30.94
N TYR D 121 10.44 -12.10 -29.71
CA TYR D 121 10.66 -13.44 -29.19
C TYR D 121 10.14 -13.57 -27.77
N PHE D 122 9.66 -14.76 -27.42
CA PHE D 122 9.29 -15.01 -26.03
C PHE D 122 10.36 -16.01 -25.61
N ARG D 123 11.19 -15.60 -24.64
CA ARG D 123 12.31 -16.42 -24.20
C ARG D 123 13.15 -16.66 -25.46
N ASN D 124 13.42 -17.90 -25.84
CA ASN D 124 14.25 -18.09 -27.04
C ASN D 124 13.48 -18.48 -28.30
N GLN D 125 12.19 -18.20 -28.32
CA GLN D 125 11.35 -18.56 -29.44
C GLN D 125 10.85 -17.37 -30.24
N LEU D 126 11.15 -17.35 -31.53
CA LEU D 126 10.70 -16.29 -32.41
C LEU D 126 9.17 -16.31 -32.49
N LEU D 127 8.54 -15.16 -32.26
CA LEU D 127 7.10 -15.08 -32.36
C LEU D 127 6.74 -14.57 -33.75
N LYS D 128 7.31 -13.42 -34.11
CA LYS D 128 7.04 -12.85 -35.42
C LYS D 128 8.03 -11.77 -35.76
N SER D 129 8.30 -11.61 -37.05
CA SER D 129 9.22 -10.59 -37.54
C SER D 129 8.42 -9.71 -38.51
N PHE D 130 8.60 -8.40 -38.39
CA PHE D 130 7.90 -7.47 -39.25
C PHE D 130 8.95 -6.76 -40.09
N ASP D 131 8.68 -6.67 -41.40
CA ASP D 131 9.61 -6.06 -42.35
C ASP D 131 8.89 -4.88 -43.00
N PHE D 132 9.26 -3.66 -42.62
CA PHE D 132 8.62 -2.48 -43.20
C PHE D 132 9.58 -1.64 -44.02
N HIS D 133 9.07 -1.09 -45.11
CA HIS D 133 9.85 -0.23 -45.97
C HIS D 133 9.26 1.17 -45.86
N PHE D 134 10.03 2.13 -45.38
CA PHE D 134 9.52 3.49 -45.26
C PHE D 134 9.37 4.09 -46.66
N GLY D 135 8.42 5.00 -46.81
CA GLY D 135 8.23 5.65 -48.09
C GLY D 135 9.41 6.58 -48.34
N PHE D 136 9.26 7.52 -49.27
CA PHE D 136 10.34 8.45 -49.55
C PHE D 136 10.58 9.33 -48.32
N CYS D 137 11.85 9.50 -47.94
CA CYS D 137 12.19 10.31 -46.78
C CYS D 137 12.76 11.67 -47.20
N ILE D 138 12.04 12.74 -46.87
CA ILE D 138 12.49 14.09 -47.22
C ILE D 138 13.60 14.53 -46.27
N PRO D 139 14.76 14.89 -46.83
CA PRO D 139 15.90 15.34 -46.03
C PRO D 139 15.59 16.59 -45.22
N SER D 140 16.29 16.76 -44.10
CA SER D 140 16.14 17.95 -43.27
C SER D 140 14.71 18.27 -42.86
N SER D 141 13.90 17.27 -42.59
CA SER D 141 12.52 17.54 -42.19
C SER D 141 11.87 16.40 -41.42
N LYS D 142 10.66 16.65 -40.95
CA LYS D 142 9.89 15.66 -40.22
C LYS D 142 9.20 14.77 -41.25
N ASN D 143 9.18 13.47 -40.99
CA ASN D 143 8.54 12.53 -41.90
C ASN D 143 7.54 11.71 -41.09
N THR D 144 6.50 11.22 -41.75
CA THR D 144 5.48 10.42 -41.08
C THR D 144 5.25 9.13 -41.86
N CYS D 145 5.07 8.03 -41.14
CA CYS D 145 4.85 6.74 -41.75
C CYS D 145 3.84 5.95 -40.94
N GLU D 146 3.03 5.13 -41.61
CA GLU D 146 2.07 4.28 -40.92
C GLU D 146 2.40 2.83 -41.27
N HIS D 147 2.60 2.02 -40.24
CA HIS D 147 2.91 0.61 -40.43
C HIS D 147 1.70 -0.18 -39.93
N ILE D 148 1.36 -1.26 -40.62
CA ILE D 148 0.25 -2.09 -40.18
C ILE D 148 0.83 -3.42 -39.70
N TYR D 149 0.55 -3.75 -38.45
CA TYR D 149 1.03 -4.98 -37.82
C TYR D 149 -0.07 -6.03 -37.77
N ASP D 150 0.09 -7.13 -38.49
CA ASP D 150 -0.89 -8.20 -38.42
C ASP D 150 -0.34 -9.25 -37.46
N PHE D 151 -1.02 -9.43 -36.34
CA PHE D 151 -0.56 -10.37 -35.32
C PHE D 151 -0.97 -11.80 -35.63
N PRO D 152 -0.03 -12.73 -35.47
CA PRO D 152 -0.37 -14.12 -35.72
C PRO D 152 -1.17 -14.58 -34.51
N PRO D 153 -2.27 -15.32 -34.72
CA PRO D 153 -3.02 -15.78 -33.55
C PRO D 153 -2.12 -16.68 -32.71
N LEU D 154 -1.95 -16.34 -31.43
CA LEU D 154 -1.09 -17.09 -30.52
C LEU D 154 -1.82 -18.22 -29.79
N SER D 155 -1.08 -19.26 -29.42
CA SER D 155 -1.68 -20.38 -28.70
C SER D 155 -2.03 -19.95 -27.28
N GLU D 156 -3.03 -20.61 -26.70
CA GLU D 156 -3.44 -20.31 -25.33
C GLU D 156 -2.29 -20.53 -24.36
N GLU D 157 -1.49 -21.56 -24.61
CA GLU D 157 -0.36 -21.86 -23.73
C GLU D 157 0.68 -20.73 -23.75
N LEU D 158 0.99 -20.21 -24.92
CA LEU D 158 1.95 -19.13 -25.04
C LEU D 158 1.43 -17.86 -24.38
N ILE D 159 0.17 -17.53 -24.63
CA ILE D 159 -0.42 -16.32 -24.04
C ILE D 159 -0.34 -16.39 -22.51
N SER D 160 -0.66 -17.56 -21.94
CA SER D 160 -0.60 -17.73 -20.49
C SER D 160 0.80 -17.47 -19.94
N GLU D 161 1.81 -18.00 -20.61
CA GLU D 161 3.19 -17.83 -20.17
C GLU D 161 3.66 -16.39 -20.34
N MSE D 162 3.26 -15.75 -21.43
CA MSE D 162 3.67 -14.37 -21.67
C MSE D 162 3.09 -13.45 -20.61
O MSE D 162 3.74 -12.47 -20.20
CB MSE D 162 3.26 -13.92 -23.08
CG MSE D 162 4.10 -14.56 -24.19
SE MSE D 162 3.39 -14.21 -25.98
CE MSE D 162 4.11 -12.43 -26.25
N ILE D 163 1.88 -13.74 -20.15
CA ILE D 163 1.27 -12.91 -19.11
C ILE D 163 1.96 -13.18 -17.78
N ARG D 164 2.29 -14.45 -17.56
CA ARG D 164 2.91 -14.89 -16.32
C ARG D 164 4.36 -14.51 -16.16
N HIS D 165 5.06 -14.26 -17.27
CA HIS D 165 6.48 -13.93 -17.22
C HIS D 165 6.79 -12.60 -17.88
N PRO D 166 6.49 -11.50 -17.19
CA PRO D 166 6.76 -10.18 -17.77
C PRO D 166 8.23 -9.97 -18.10
N TYR D 167 8.46 -9.26 -19.20
CA TYR D 167 9.79 -8.90 -19.67
C TYR D 167 10.60 -10.02 -20.31
N GLU D 168 10.04 -11.22 -20.35
CA GLU D 168 10.74 -12.30 -21.01
C GLU D 168 10.38 -12.29 -22.50
N THR D 169 9.47 -11.40 -22.87
CA THR D 169 9.12 -11.19 -24.28
C THR D 169 10.01 -9.99 -24.62
N GLN D 170 10.84 -10.14 -25.65
CA GLN D 170 11.76 -9.07 -26.02
C GLN D 170 11.80 -8.89 -27.53
N SER D 171 12.26 -7.74 -27.98
CA SER D 171 12.34 -7.49 -29.40
C SER D 171 13.61 -6.73 -29.80
N ASP D 172 14.01 -6.95 -31.05
CA ASP D 172 15.16 -6.29 -31.66
C ASP D 172 14.58 -5.55 -32.87
N SER D 173 14.84 -4.26 -32.97
CA SER D 173 14.37 -3.49 -34.13
C SER D 173 15.63 -3.05 -34.89
N PHE D 174 15.80 -3.53 -36.11
CA PHE D 174 16.96 -3.21 -36.92
C PHE D 174 16.58 -2.26 -38.05
N TYR D 175 17.32 -1.16 -38.18
CA TYR D 175 17.04 -0.17 -39.21
C TYR D 175 18.17 -0.11 -40.22
N PHE D 176 17.80 -0.14 -41.50
CA PHE D 176 18.79 -0.11 -42.59
C PHE D 176 18.55 1.01 -43.57
N VAL D 177 19.65 1.51 -44.13
CA VAL D 177 19.59 2.54 -45.16
C VAL D 177 20.54 1.98 -46.22
N ASP D 178 20.02 1.77 -47.42
CA ASP D 178 20.82 1.21 -48.50
C ASP D 178 21.49 -0.10 -48.10
N ASP D 179 20.72 -0.96 -47.44
CA ASP D 179 21.19 -2.27 -46.99
C ASP D 179 22.26 -2.28 -45.91
N ARG D 180 22.51 -1.13 -45.29
CA ARG D 180 23.48 -1.06 -44.21
C ARG D 180 22.80 -0.74 -42.89
N LEU D 181 23.11 -1.51 -41.85
CA LEU D 181 22.52 -1.29 -40.54
C LEU D 181 22.97 0.05 -39.96
N VAL D 182 22.03 0.94 -39.68
CA VAL D 182 22.36 2.25 -39.10
C VAL D 182 21.81 2.48 -37.69
N MSE D 183 20.82 1.69 -37.29
CA MSE D 183 20.24 1.81 -35.96
C MSE D 183 19.78 0.46 -35.46
O MSE D 183 19.36 -0.39 -36.24
CB MSE D 183 19.03 2.76 -35.98
CG MSE D 183 19.35 4.23 -36.12
SE MSE D 183 17.71 5.27 -36.13
CE MSE D 183 16.99 4.70 -34.42
N HIS D 184 19.85 0.26 -34.14
CA HIS D 184 19.42 -0.98 -33.53
C HIS D 184 18.84 -0.63 -32.16
N ASN D 185 17.52 -0.83 -32.03
CA ASN D 185 16.83 -0.57 -30.77
C ASN D 185 16.35 -1.89 -30.17
N LYS D 186 16.28 -1.94 -28.84
CA LYS D 186 15.82 -3.13 -28.14
C LYS D 186 14.66 -2.78 -27.22
N ALA D 187 13.85 -3.79 -26.89
CA ALA D 187 12.72 -3.57 -26.00
C ALA D 187 12.29 -4.85 -25.30
N ASP D 188 11.56 -4.70 -24.20
CA ASP D 188 10.99 -5.87 -23.53
C ASP D 188 9.57 -5.50 -23.15
N TYR D 189 8.73 -6.51 -22.92
CA TYR D 189 7.34 -6.26 -22.69
C TYR D 189 6.72 -6.99 -21.51
N SER D 190 5.70 -6.35 -20.96
CA SER D 190 4.92 -6.94 -19.88
C SER D 190 3.47 -6.87 -20.36
N TYR D 191 2.70 -7.91 -20.09
CA TYR D 191 1.29 -7.95 -20.46
C TYR D 191 0.50 -8.23 -19.18
N SER D 192 1.05 -7.76 -18.07
CA SER D 192 0.44 -7.98 -16.77
C SER D 192 -0.41 -6.79 -16.34
N GLY D 193 -0.49 -5.77 -17.18
CA GLY D 193 -1.23 -4.58 -16.81
C GLY D 193 -0.48 -3.96 -15.64
N THR D 194 -1.09 -3.02 -14.93
CA THR D 194 -0.46 -2.37 -13.77
C THR D 194 -1.11 -1.04 -13.45
N PRO E 14 -28.19 -17.03 -31.70
CA PRO E 14 -27.69 -16.25 -30.56
C PRO E 14 -26.42 -15.51 -30.93
N ILE E 15 -26.48 -14.18 -30.93
CA ILE E 15 -25.33 -13.35 -31.26
C ILE E 15 -24.58 -12.95 -29.99
N GLY E 16 -23.27 -13.09 -30.01
CA GLY E 16 -22.46 -12.75 -28.84
C GLY E 16 -21.50 -11.61 -29.11
N PRO E 17 -20.78 -11.14 -28.07
CA PRO E 17 -19.81 -10.04 -28.17
C PRO E 17 -18.82 -10.20 -29.32
N GLU E 18 -18.25 -11.40 -29.45
CA GLU E 18 -17.29 -11.67 -30.51
C GLU E 18 -17.85 -11.40 -31.90
N ASP E 19 -19.17 -11.46 -32.03
CA ASP E 19 -19.80 -11.21 -33.32
C ASP E 19 -19.91 -9.73 -33.67
N VAL E 20 -19.66 -8.84 -32.72
CA VAL E 20 -19.73 -7.41 -33.00
C VAL E 20 -18.40 -6.68 -32.74
N LEU E 21 -17.58 -7.25 -31.88
CA LEU E 21 -16.30 -6.63 -31.53
C LEU E 21 -15.30 -6.37 -32.65
N GLY E 22 -15.53 -6.99 -33.82
CA GLY E 22 -14.63 -6.79 -34.94
C GLY E 22 -15.30 -6.17 -36.16
N LEU E 23 -16.52 -5.70 -35.98
CA LEU E 23 -17.26 -5.10 -37.09
C LEU E 23 -16.60 -3.84 -37.61
N GLN E 24 -16.53 -3.71 -38.93
CA GLN E 24 -15.87 -2.55 -39.53
C GLN E 24 -16.85 -1.62 -40.24
N ARG E 25 -18.13 -1.94 -40.15
CA ARG E 25 -19.18 -1.13 -40.76
C ARG E 25 -20.39 -1.08 -39.84
N ILE E 26 -21.17 -0.01 -39.93
CA ILE E 26 -22.41 0.12 -39.18
C ILE E 26 -23.28 -1.01 -39.74
N THR E 27 -24.12 -1.64 -38.91
CA THR E 27 -24.93 -2.74 -39.43
C THR E 27 -26.04 -2.21 -40.32
N GLY E 28 -26.43 -2.98 -41.32
CA GLY E 28 -27.48 -2.58 -42.24
C GLY E 28 -28.87 -2.58 -41.61
N ASP E 29 -29.05 -3.40 -40.59
CA ASP E 29 -30.34 -3.48 -39.91
C ASP E 29 -30.11 -3.92 -38.46
N TYR E 30 -31.17 -3.91 -37.65
CA TYR E 30 -31.05 -4.32 -36.26
C TYR E 30 -30.75 -5.81 -36.17
N LEU E 31 -29.82 -6.16 -35.28
CA LEU E 31 -29.42 -7.55 -35.11
C LEU E 31 -30.38 -8.36 -34.24
N CYS E 32 -31.37 -7.70 -33.65
CA CYS E 32 -32.36 -8.38 -32.82
C CYS E 32 -33.65 -7.58 -32.77
N SER E 33 -34.74 -8.25 -32.48
CA SER E 33 -36.05 -7.59 -32.39
C SER E 33 -36.36 -7.17 -30.97
N PRO E 34 -37.30 -6.24 -30.80
CA PRO E 34 -37.69 -5.75 -29.48
C PRO E 34 -38.06 -6.90 -28.54
N GLU E 35 -38.61 -7.97 -29.12
CA GLU E 35 -39.04 -9.13 -28.35
C GLU E 35 -37.92 -9.86 -27.61
N GLU E 36 -36.69 -9.69 -28.07
CA GLU E 36 -35.55 -10.36 -27.46
C GLU E 36 -35.19 -9.75 -26.10
N ASN E 37 -35.75 -8.59 -25.80
CA ASN E 37 -35.51 -7.93 -24.52
C ASN E 37 -36.39 -8.58 -23.46
N ILE E 38 -36.15 -9.86 -23.17
CA ILE E 38 -36.96 -10.58 -22.20
C ILE E 38 -36.77 -10.13 -20.75
N TYR E 39 -35.78 -9.28 -20.51
CA TYR E 39 -35.51 -8.79 -19.16
C TYR E 39 -36.23 -7.49 -18.89
N LYS E 40 -36.90 -6.98 -19.93
CA LYS E 40 -37.63 -5.74 -19.82
C LYS E 40 -36.75 -4.59 -19.38
N ILE E 41 -35.58 -4.47 -19.97
CA ILE E 41 -34.67 -3.38 -19.65
C ILE E 41 -35.19 -2.16 -20.43
N ASP E 42 -35.43 -1.08 -19.71
CA ASP E 42 -35.97 0.13 -20.30
C ASP E 42 -35.21 1.34 -19.78
N PHE E 43 -34.53 2.05 -20.67
CA PHE E 43 -33.77 3.22 -20.25
C PHE E 43 -34.71 4.41 -20.09
N VAL E 44 -34.61 5.09 -18.96
CA VAL E 44 -35.51 6.22 -18.68
C VAL E 44 -34.80 7.55 -18.47
N ARG E 45 -33.48 7.55 -18.59
CA ARG E 45 -32.72 8.78 -18.45
C ARG E 45 -31.36 8.58 -19.10
N PHE E 46 -30.91 9.59 -19.81
CA PHE E 46 -29.62 9.56 -20.46
C PHE E 46 -29.08 10.97 -20.41
N LYS E 47 -27.94 11.15 -19.76
CA LYS E 47 -27.33 12.46 -19.65
C LYS E 47 -25.84 12.38 -19.91
N ILE E 48 -25.33 13.21 -20.83
CA ILE E 48 -23.90 13.23 -21.06
C ILE E 48 -23.35 14.60 -20.72
N ARG E 49 -22.18 14.62 -20.09
CA ARG E 49 -21.56 15.88 -19.71
C ARG E 49 -20.07 15.84 -19.99
N ASP E 50 -19.52 17.01 -20.27
CA ASP E 50 -18.09 17.15 -20.53
C ASP E 50 -17.34 17.03 -19.22
N MSE E 51 -16.48 16.03 -19.11
CA MSE E 51 -15.72 15.78 -17.89
C MSE E 51 -14.71 16.84 -17.51
O MSE E 51 -14.27 16.90 -16.36
CB MSE E 51 -15.05 14.41 -17.97
CG MSE E 51 -16.04 13.27 -18.07
SE MSE E 51 -17.14 13.06 -16.48
CE MSE E 51 -17.94 14.83 -16.36
N ASP E 52 -14.34 17.68 -18.47
CA ASP E 52 -13.37 18.73 -18.20
C ASP E 52 -14.02 20.03 -17.73
N SER E 53 -15.23 20.28 -18.19
CA SER E 53 -15.93 21.51 -17.80
C SER E 53 -17.15 21.26 -16.92
N GLY E 54 -17.62 20.03 -16.90
CA GLY E 54 -18.79 19.70 -16.10
C GLY E 54 -20.07 20.10 -16.82
N THR E 55 -19.91 20.75 -17.97
CA THR E 55 -21.03 21.21 -18.78
C THR E 55 -21.87 20.08 -19.36
N VAL E 56 -23.17 20.11 -19.08
CA VAL E 56 -24.06 19.10 -19.61
C VAL E 56 -24.25 19.34 -21.11
N LEU E 57 -23.95 18.33 -21.91
CA LEU E 57 -24.04 18.44 -23.37
C LEU E 57 -25.40 18.01 -23.92
N PHE E 58 -26.03 17.05 -23.25
CA PHE E 58 -27.33 16.56 -23.68
C PHE E 58 -28.00 15.79 -22.56
N GLU E 59 -29.33 15.81 -22.53
CA GLU E 59 -30.08 15.09 -21.52
C GLU E 59 -31.54 14.88 -21.90
N ILE E 60 -32.02 13.68 -21.66
CA ILE E 60 -33.41 13.34 -21.91
C ILE E 60 -33.86 12.46 -20.74
N LYS E 61 -35.10 12.67 -20.30
CA LYS E 61 -35.63 11.94 -19.16
C LYS E 61 -37.12 11.64 -19.36
N LYS E 62 -37.60 10.61 -18.68
CA LYS E 62 -39.01 10.23 -18.76
C LYS E 62 -39.82 11.00 -17.74
N ALA E 80 -39.48 3.11 -31.13
CA ALA E 80 -39.21 4.52 -30.87
C ALA E 80 -38.34 4.64 -29.64
N GLY E 81 -37.04 4.59 -29.87
CA GLY E 81 -36.08 4.62 -28.78
C GLY E 81 -35.02 3.61 -29.15
N ARG E 82 -35.19 3.05 -30.34
CA ARG E 82 -34.25 2.10 -30.91
C ARG E 82 -33.36 2.93 -31.81
N PHE E 83 -33.82 4.14 -32.11
CA PHE E 83 -33.08 5.06 -32.97
C PHE E 83 -33.22 6.50 -32.51
N VAL E 84 -32.08 7.19 -32.43
CA VAL E 84 -32.04 8.59 -32.04
C VAL E 84 -31.12 9.38 -32.96
N ARG E 85 -31.56 10.58 -33.33
CA ARG E 85 -30.79 11.46 -34.20
C ARG E 85 -30.28 12.59 -33.30
N TYR E 86 -28.96 12.76 -33.25
CA TYR E 86 -28.39 13.79 -32.41
C TYR E 86 -27.96 15.02 -33.18
N GLN E 87 -28.30 16.19 -32.64
CA GLN E 87 -27.93 17.46 -33.25
C GLN E 87 -26.95 18.11 -32.28
N PHE E 88 -25.65 17.90 -32.50
CA PHE E 88 -24.63 18.51 -31.66
C PHE E 88 -23.95 19.63 -32.44
N THR E 89 -22.89 20.20 -31.86
CA THR E 89 -22.17 21.28 -32.51
C THR E 89 -20.73 20.86 -32.79
N PRO E 90 -20.01 21.63 -33.61
CA PRO E 90 -18.61 21.34 -33.96
C PRO E 90 -17.71 21.12 -32.75
N ALA E 91 -17.97 21.87 -31.68
CA ALA E 91 -17.18 21.76 -30.46
C ALA E 91 -17.23 20.38 -29.82
N PHE E 92 -18.31 19.65 -30.07
CA PHE E 92 -18.46 18.31 -29.51
C PHE E 92 -17.36 17.40 -30.04
N LEU E 93 -16.93 17.66 -31.27
CA LEU E 93 -15.89 16.85 -31.89
C LEU E 93 -14.48 17.08 -31.32
N ARG E 94 -14.35 18.05 -30.43
CA ARG E 94 -13.05 18.33 -29.81
C ARG E 94 -13.01 17.90 -28.35
N LEU E 95 -14.07 17.22 -27.91
CA LEU E 95 -14.14 16.75 -26.53
C LEU E 95 -13.15 15.61 -26.31
N ARG E 96 -12.60 15.56 -25.10
CA ARG E 96 -11.63 14.53 -24.74
C ARG E 96 -12.26 13.40 -23.94
N GLN E 97 -13.14 13.76 -23.01
CA GLN E 97 -13.77 12.77 -22.17
C GLN E 97 -15.17 13.19 -21.73
N VAL E 98 -16.11 12.27 -21.88
CA VAL E 98 -17.50 12.56 -21.51
C VAL E 98 -18.03 11.49 -20.57
N GLY E 99 -18.87 11.92 -19.63
CA GLY E 99 -19.46 11.02 -18.68
C GLY E 99 -20.92 10.87 -18.99
N ALA E 100 -21.35 9.63 -19.18
CA ALA E 100 -22.74 9.36 -19.47
C ALA E 100 -23.41 8.79 -18.23
N THR E 101 -24.51 9.41 -17.82
CA THR E 101 -25.26 8.93 -16.67
C THR E 101 -26.50 8.31 -17.27
N VAL E 102 -26.74 7.04 -16.96
CA VAL E 102 -27.88 6.35 -17.51
C VAL E 102 -28.73 5.70 -16.43
N GLU E 103 -30.04 5.76 -16.59
CA GLU E 103 -30.95 5.15 -15.64
C GLU E 103 -31.88 4.21 -16.41
N PHE E 104 -32.08 3.01 -15.86
CA PHE E 104 -32.94 2.03 -16.51
C PHE E 104 -33.70 1.17 -15.51
N THR E 105 -34.89 0.76 -15.90
CA THR E 105 -35.69 -0.10 -15.05
C THR E 105 -35.47 -1.52 -15.55
N VAL E 106 -35.64 -2.50 -14.67
CA VAL E 106 -35.46 -3.89 -15.03
C VAL E 106 -36.68 -4.68 -14.57
N GLY E 107 -36.99 -5.76 -15.28
CA GLY E 107 -38.14 -6.58 -14.92
C GLY E 107 -37.88 -7.53 -13.76
N ASP E 108 -38.63 -8.63 -13.75
CA ASP E 108 -38.55 -9.64 -12.70
C ASP E 108 -37.30 -10.52 -12.74
N LYS E 109 -36.99 -11.03 -13.92
CA LYS E 109 -35.86 -11.92 -14.12
C LYS E 109 -34.49 -11.31 -13.79
N PRO E 110 -33.64 -12.06 -13.07
CA PRO E 110 -32.31 -11.54 -12.72
C PRO E 110 -31.51 -11.24 -13.98
N VAL E 111 -30.77 -10.14 -13.95
CA VAL E 111 -29.94 -9.75 -15.08
C VAL E 111 -28.49 -9.89 -14.64
N ASN E 112 -27.78 -10.85 -15.22
CA ASN E 112 -26.39 -11.10 -14.87
C ASN E 112 -25.46 -10.76 -16.03
N ASN E 113 -24.36 -10.09 -15.72
CA ASN E 113 -23.36 -9.73 -16.72
C ASN E 113 -23.94 -8.87 -17.85
N PHE E 114 -24.58 -7.77 -17.46
CA PHE E 114 -25.17 -6.82 -18.39
C PHE E 114 -23.99 -6.03 -18.96
N ARG E 115 -23.90 -5.96 -20.29
CA ARG E 115 -22.77 -5.32 -20.96
C ARG E 115 -23.20 -4.62 -22.25
N MSE E 116 -22.57 -3.48 -22.56
CA MSE E 116 -22.89 -2.75 -23.77
C MSE E 116 -21.63 -2.48 -24.58
O MSE E 116 -20.61 -2.05 -24.03
CB MSE E 116 -23.55 -1.40 -23.45
CG MSE E 116 -23.82 -0.55 -24.69
SE MSE E 116 -24.39 1.28 -24.36
CE MSE E 116 -22.74 1.99 -23.66
N ILE E 117 -21.69 -2.75 -25.88
CA ILE E 117 -20.57 -2.50 -26.78
C ILE E 117 -21.16 -1.50 -27.78
N GLU E 118 -20.60 -0.30 -27.78
CA GLU E 118 -21.09 0.77 -28.65
C GLU E 118 -20.00 1.11 -29.67
N ARG E 119 -20.35 1.03 -30.94
CA ARG E 119 -19.38 1.28 -32.02
C ARG E 119 -19.81 2.45 -32.88
N HIS E 120 -18.86 3.37 -33.08
CA HIS E 120 -19.08 4.59 -33.85
C HIS E 120 -18.32 4.57 -35.16
N TYR E 121 -18.97 5.00 -36.24
CA TYR E 121 -18.35 5.02 -37.56
C TYR E 121 -18.68 6.30 -38.30
N PHE E 122 -17.76 6.74 -39.16
CA PHE E 122 -18.04 7.86 -40.04
C PHE E 122 -17.94 7.19 -41.39
N ARG E 123 -19.04 7.15 -42.12
CA ARG E 123 -19.08 6.46 -43.39
C ARG E 123 -18.71 4.99 -43.12
N ASN E 124 -17.72 4.45 -43.82
CA ASN E 124 -17.37 3.05 -43.56
C ASN E 124 -16.13 2.90 -42.69
N GLN E 125 -15.81 3.94 -41.93
CA GLN E 125 -14.62 3.92 -41.08
C GLN E 125 -14.93 3.90 -39.59
N LEU E 126 -14.47 2.84 -38.91
CA LEU E 126 -14.66 2.74 -37.48
C LEU E 126 -13.87 3.85 -36.80
N LEU E 127 -14.52 4.59 -35.92
CA LEU E 127 -13.86 5.67 -35.20
C LEU E 127 -13.40 5.15 -33.85
N LYS E 128 -14.34 4.56 -33.10
CA LYS E 128 -14.03 4.05 -31.79
C LYS E 128 -15.13 3.12 -31.29
N SER E 129 -14.74 2.10 -30.54
CA SER E 129 -15.66 1.15 -29.95
C SER E 129 -15.49 1.24 -28.43
N PHE E 130 -16.60 1.24 -27.71
CA PHE E 130 -16.57 1.32 -26.25
C PHE E 130 -17.21 0.06 -25.71
N ASP E 131 -16.60 -0.54 -24.70
CA ASP E 131 -17.08 -1.79 -24.11
C ASP E 131 -17.30 -1.54 -22.63
N PHE E 132 -18.56 -1.45 -22.21
CA PHE E 132 -18.90 -1.19 -20.82
C PHE E 132 -19.59 -2.36 -20.14
N HIS E 133 -19.28 -2.57 -18.87
CA HIS E 133 -19.88 -3.63 -18.08
C HIS E 133 -20.66 -2.96 -16.96
N PHE E 134 -21.98 -3.16 -16.95
CA PHE E 134 -22.81 -2.57 -15.91
C PHE E 134 -22.53 -3.26 -14.58
N GLY E 135 -22.75 -2.54 -13.48
CA GLY E 135 -22.55 -3.12 -12.17
C GLY E 135 -23.71 -4.07 -11.90
N PHE E 136 -23.87 -4.52 -10.66
CA PHE E 136 -24.98 -5.43 -10.34
C PHE E 136 -26.33 -4.78 -10.64
N CYS E 137 -27.19 -5.51 -11.35
CA CYS E 137 -28.52 -5.00 -11.69
C CYS E 137 -29.60 -5.60 -10.80
N ILE E 138 -30.32 -4.74 -10.08
CA ILE E 138 -31.37 -5.18 -9.17
C ILE E 138 -32.70 -5.35 -9.89
N PRO E 139 -33.29 -6.55 -9.84
CA PRO E 139 -34.57 -6.83 -10.49
C PRO E 139 -35.69 -5.93 -10.00
N SER E 140 -36.70 -5.75 -10.85
CA SER E 140 -37.88 -4.96 -10.51
C SER E 140 -37.61 -3.61 -9.89
N SER E 141 -36.66 -2.87 -10.43
CA SER E 141 -36.36 -1.54 -9.90
C SER E 141 -35.57 -0.68 -10.88
N LYS E 142 -35.42 0.60 -10.53
CA LYS E 142 -34.68 1.53 -11.37
C LYS E 142 -33.20 1.46 -11.01
N ASN E 143 -32.36 1.24 -12.02
CA ASN E 143 -30.92 1.14 -11.82
C ASN E 143 -30.21 2.34 -12.43
N THR E 144 -28.97 2.56 -11.99
CA THR E 144 -28.18 3.69 -12.48
C THR E 144 -26.76 3.22 -12.82
N CYS E 145 -26.13 3.90 -13.77
CA CYS E 145 -24.78 3.56 -14.16
C CYS E 145 -24.13 4.80 -14.79
N GLU E 146 -22.82 4.92 -14.64
CA GLU E 146 -22.11 6.02 -15.26
C GLU E 146 -21.02 5.43 -16.13
N HIS E 147 -21.02 5.81 -17.40
CA HIS E 147 -20.03 5.35 -18.36
C HIS E 147 -19.06 6.49 -18.65
N ILE E 148 -17.77 6.17 -18.72
CA ILE E 148 -16.77 7.18 -19.05
C ILE E 148 -16.24 6.90 -20.45
N TYR E 149 -16.47 7.83 -21.36
CA TYR E 149 -16.03 7.72 -22.74
C TYR E 149 -14.76 8.53 -22.98
N ASP E 150 -13.68 7.85 -23.32
CA ASP E 150 -12.45 8.55 -23.66
C ASP E 150 -12.45 8.62 -25.18
N PHE E 151 -12.57 9.84 -25.72
CA PHE E 151 -12.64 10.04 -27.15
C PHE E 151 -11.28 10.01 -27.81
N PRO E 152 -11.22 9.51 -29.05
CA PRO E 152 -9.95 9.45 -29.77
C PRO E 152 -9.68 10.83 -30.38
N PRO E 153 -8.46 11.34 -30.22
CA PRO E 153 -8.18 12.65 -30.82
C PRO E 153 -8.36 12.50 -32.33
N LEU E 154 -9.28 13.27 -32.91
CA LEU E 154 -9.58 13.17 -34.34
C LEU E 154 -8.75 14.12 -35.20
N SER E 155 -8.43 13.68 -36.41
CA SER E 155 -7.66 14.50 -37.34
C SER E 155 -8.50 15.68 -37.79
N GLU E 156 -7.84 16.75 -38.23
CA GLU E 156 -8.55 17.93 -38.68
C GLU E 156 -9.36 17.65 -39.94
N GLU E 157 -8.83 16.80 -40.82
CA GLU E 157 -9.53 16.46 -42.05
C GLU E 157 -10.84 15.74 -41.75
N LEU E 158 -10.80 14.84 -40.78
CA LEU E 158 -11.99 14.07 -40.40
C LEU E 158 -13.03 14.96 -39.73
N ILE E 159 -12.58 15.83 -38.83
CA ILE E 159 -13.50 16.73 -38.14
C ILE E 159 -14.28 17.55 -39.18
N SER E 160 -13.55 18.07 -40.18
CA SER E 160 -14.18 18.88 -41.23
C SER E 160 -15.24 18.10 -42.00
N GLU E 161 -14.92 16.86 -42.35
CA GLU E 161 -15.86 16.01 -43.09
C GLU E 161 -17.09 15.69 -42.27
N MSE E 162 -16.88 15.35 -41.00
CA MSE E 162 -17.99 15.01 -40.12
C MSE E 162 -18.95 16.18 -39.95
O MSE E 162 -20.17 16.00 -39.87
CB MSE E 162 -17.45 14.53 -38.77
CG MSE E 162 -16.79 13.15 -38.81
SE MSE E 162 -15.86 12.66 -37.18
CE MSE E 162 -17.39 12.20 -36.07
N ILE E 163 -18.41 17.40 -39.91
CA ILE E 163 -19.23 18.59 -39.78
C ILE E 163 -20.00 18.86 -41.08
N ARG E 164 -19.34 18.63 -42.21
CA ARG E 164 -19.95 18.86 -43.52
C ARG E 164 -20.90 17.75 -43.96
N HIS E 165 -20.89 16.62 -43.26
CA HIS E 165 -21.73 15.50 -43.65
C HIS E 165 -22.59 14.96 -42.52
N PRO E 166 -23.65 15.71 -42.14
CA PRO E 166 -24.53 15.26 -41.06
C PRO E 166 -25.18 13.91 -41.32
N TYR E 167 -25.31 13.11 -40.26
CA TYR E 167 -25.93 11.79 -40.31
C TYR E 167 -25.10 10.68 -40.95
N GLU E 168 -23.91 11.00 -41.44
CA GLU E 168 -23.05 9.97 -42.00
C GLU E 168 -22.16 9.39 -40.88
N THR E 169 -22.22 10.02 -39.71
CA THR E 169 -21.54 9.51 -38.52
C THR E 169 -22.68 8.77 -37.83
N GLN E 170 -22.48 7.47 -37.58
CA GLN E 170 -23.51 6.65 -36.96
C GLN E 170 -22.95 5.69 -35.91
N SER E 171 -23.81 5.19 -35.05
CA SER E 171 -23.34 4.26 -34.04
C SER E 171 -24.33 3.13 -33.79
N ASP E 172 -23.77 1.99 -33.37
CA ASP E 172 -24.54 0.80 -33.02
C ASP E 172 -24.27 0.55 -31.54
N SER E 173 -25.32 0.39 -30.75
CA SER E 173 -25.16 0.09 -29.33
C SER E 173 -25.73 -1.30 -29.11
N PHE E 174 -24.84 -2.27 -28.89
CA PHE E 174 -25.25 -3.65 -28.68
C PHE E 174 -25.27 -3.96 -27.18
N TYR E 175 -26.40 -4.46 -26.69
CA TYR E 175 -26.52 -4.78 -25.28
C TYR E 175 -26.60 -6.29 -25.09
N PHE E 176 -25.77 -6.81 -24.19
CA PHE E 176 -25.73 -8.24 -23.92
C PHE E 176 -26.01 -8.57 -22.46
N VAL E 177 -26.64 -9.73 -22.24
CA VAL E 177 -26.93 -10.24 -20.91
C VAL E 177 -26.50 -11.70 -20.98
N ASP E 178 -25.49 -12.05 -20.19
CA ASP E 178 -24.95 -13.40 -20.17
C ASP E 178 -24.41 -13.82 -21.53
N ASP E 179 -23.73 -12.88 -22.20
CA ASP E 179 -23.15 -13.14 -23.52
C ASP E 179 -24.16 -13.26 -24.65
N ARG E 180 -25.41 -12.86 -24.38
CA ARG E 180 -26.46 -12.92 -25.39
C ARG E 180 -27.00 -11.54 -25.74
N LEU E 181 -27.03 -11.22 -27.03
CA LEU E 181 -27.55 -9.94 -27.48
C LEU E 181 -29.04 -9.88 -27.12
N VAL E 182 -29.44 -8.82 -26.42
CA VAL E 182 -30.85 -8.67 -26.05
C VAL E 182 -31.45 -7.33 -26.48
N MSE E 183 -30.59 -6.40 -26.91
CA MSE E 183 -31.03 -5.09 -27.35
C MSE E 183 -30.03 -4.51 -28.34
O MSE E 183 -28.83 -4.75 -28.21
CB MSE E 183 -31.14 -4.13 -26.17
CG MSE E 183 -32.52 -3.97 -25.57
SE MSE E 183 -32.51 -2.76 -24.05
CE MSE E 183 -32.34 -1.07 -24.98
N HIS E 184 -30.53 -3.74 -29.30
CA HIS E 184 -29.67 -3.10 -30.30
C HIS E 184 -30.31 -1.76 -30.67
N ASN E 185 -29.66 -0.68 -30.27
CA ASN E 185 -30.14 0.65 -30.59
C ASN E 185 -29.18 1.26 -31.61
N LYS E 186 -29.67 2.23 -32.37
CA LYS E 186 -28.88 2.92 -33.37
C LYS E 186 -29.03 4.41 -33.20
N ALA E 187 -28.08 5.15 -33.73
CA ALA E 187 -28.13 6.60 -33.66
C ALA E 187 -27.26 7.18 -34.75
N ASP E 188 -27.61 8.36 -35.23
CA ASP E 188 -26.72 9.03 -36.18
C ASP E 188 -26.57 10.46 -35.70
N TYR E 189 -25.48 11.10 -36.09
CA TYR E 189 -25.17 12.42 -35.59
C TYR E 189 -24.95 13.52 -36.60
N SER E 190 -25.19 14.74 -36.15
CA SER E 190 -24.98 15.94 -36.95
C SER E 190 -24.14 16.86 -36.08
N TYR E 191 -23.17 17.54 -36.68
CA TYR E 191 -22.30 18.44 -35.93
C TYR E 191 -22.21 19.81 -36.59
N SER E 192 -23.09 20.08 -37.54
CA SER E 192 -23.07 21.37 -38.24
C SER E 192 -23.45 22.50 -37.31
N GLY E 193 -23.74 22.16 -36.06
CA GLY E 193 -24.13 23.16 -35.09
C GLY E 193 -25.63 23.22 -34.99
N THR E 194 -26.13 23.56 -33.80
CA THR E 194 -27.57 23.70 -33.58
C THR E 194 -28.01 25.13 -33.90
N PRO E 195 -27.11 26.12 -33.71
CA PRO E 195 -25.72 25.98 -33.25
C PRO E 195 -25.55 26.26 -31.75
N PRO F 14 -24.65 -7.56 42.61
CA PRO F 14 -23.24 -7.59 43.06
C PRO F 14 -22.67 -8.99 42.82
N ILE F 15 -21.65 -9.07 41.97
CA ILE F 15 -21.06 -10.34 41.59
C ILE F 15 -19.97 -10.90 42.51
N GLY F 16 -20.09 -12.18 42.84
CA GLY F 16 -19.11 -12.85 43.68
C GLY F 16 -18.42 -13.98 42.93
N PRO F 17 -17.35 -14.56 43.49
CA PRO F 17 -16.63 -15.66 42.84
C PRO F 17 -17.52 -16.86 42.51
N GLU F 18 -18.43 -17.19 43.41
CA GLU F 18 -19.33 -18.32 43.19
C GLU F 18 -20.17 -18.14 41.94
N ASP F 19 -20.43 -16.89 41.58
CA ASP F 19 -21.25 -16.61 40.41
C ASP F 19 -20.56 -16.86 39.06
N VAL F 20 -19.24 -16.94 39.07
CA VAL F 20 -18.50 -17.16 37.83
C VAL F 20 -17.76 -18.50 37.78
N LEU F 21 -17.51 -19.09 38.95
CA LEU F 21 -16.77 -20.34 39.01
C LEU F 21 -17.44 -21.53 38.32
N GLY F 22 -18.73 -21.40 38.02
CA GLY F 22 -19.44 -22.49 37.36
C GLY F 22 -19.94 -22.15 35.97
N LEU F 23 -19.50 -21.03 35.41
CA LEU F 23 -19.95 -20.63 34.07
C LEU F 23 -19.50 -21.60 32.99
N GLN F 24 -20.40 -21.94 32.08
CA GLN F 24 -20.07 -22.89 31.01
C GLN F 24 -20.03 -22.22 29.63
N ARG F 25 -20.24 -20.91 29.59
CA ARG F 25 -20.22 -20.14 28.35
C ARG F 25 -19.53 -18.81 28.59
N ILE F 26 -18.91 -18.27 27.55
CA ILE F 26 -18.27 -16.97 27.63
C ILE F 26 -19.41 -15.97 27.85
N THR F 27 -19.15 -14.87 28.57
CA THR F 27 -20.21 -13.89 28.82
C THR F 27 -20.50 -13.07 27.56
N GLY F 28 -21.75 -12.62 27.42
CA GLY F 28 -22.13 -11.83 26.25
C GLY F 28 -21.66 -10.40 26.31
N ASP F 29 -21.47 -9.89 27.52
CA ASP F 29 -20.98 -8.53 27.69
C ASP F 29 -20.22 -8.47 29.01
N TYR F 30 -19.73 -7.29 29.35
CA TYR F 30 -18.97 -7.10 30.59
C TYR F 30 -19.89 -7.15 31.81
N LEU F 31 -19.43 -7.84 32.84
CA LEU F 31 -20.21 -7.99 34.07
C LEU F 31 -20.11 -6.79 35.01
N CYS F 32 -19.33 -5.79 34.64
CA CYS F 32 -19.19 -4.61 35.47
C CYS F 32 -18.61 -3.44 34.68
N SER F 33 -18.94 -2.23 35.09
CA SER F 33 -18.44 -1.03 34.42
C SER F 33 -17.04 -0.71 34.96
N PRO F 34 -16.26 0.05 34.18
CA PRO F 34 -14.90 0.43 34.57
C PRO F 34 -14.87 1.22 35.88
N GLU F 35 -16.02 1.80 36.24
CA GLU F 35 -16.11 2.59 37.46
C GLU F 35 -16.22 1.75 38.73
N GLU F 36 -16.57 0.48 38.58
CA GLU F 36 -16.69 -0.40 39.74
C GLU F 36 -15.31 -0.76 40.25
N ASN F 37 -14.29 -0.31 39.53
CA ASN F 37 -12.89 -0.52 39.91
C ASN F 37 -12.53 0.61 40.87
N ILE F 38 -13.11 0.58 42.06
CA ILE F 38 -12.90 1.61 43.06
C ILE F 38 -11.54 1.61 43.76
N TYR F 39 -10.75 0.57 43.51
CA TYR F 39 -9.42 0.48 44.12
C TYR F 39 -8.36 1.03 43.17
N LYS F 40 -8.81 1.52 42.04
CA LYS F 40 -7.92 2.08 41.02
C LYS F 40 -6.78 1.14 40.68
N ILE F 41 -7.09 -0.15 40.52
CA ILE F 41 -6.09 -1.13 40.15
C ILE F 41 -5.81 -0.92 38.67
N ASP F 42 -4.54 -0.81 38.32
CA ASP F 42 -4.15 -0.53 36.95
C ASP F 42 -2.97 -1.39 36.51
N PHE F 43 -3.20 -2.31 35.58
CA PHE F 43 -2.13 -3.18 35.09
C PHE F 43 -1.29 -2.42 34.08
N VAL F 44 0.01 -2.29 34.36
CA VAL F 44 0.92 -1.56 33.49
C VAL F 44 1.90 -2.44 32.76
N ARG F 45 1.93 -3.72 33.10
CA ARG F 45 2.84 -4.64 32.44
C ARG F 45 2.35 -6.07 32.49
N PHE F 46 2.43 -6.74 31.35
CA PHE F 46 2.01 -8.13 31.22
C PHE F 46 2.99 -8.77 30.26
N LYS F 47 3.60 -9.86 30.72
CA LYS F 47 4.59 -10.56 29.92
C LYS F 47 4.49 -12.06 30.16
N ILE F 48 4.17 -12.81 29.10
CA ILE F 48 4.06 -14.26 29.23
C ILE F 48 5.25 -14.94 28.57
N ARG F 49 5.78 -15.97 29.23
CA ARG F 49 6.91 -16.72 28.70
C ARG F 49 6.64 -18.21 28.79
N ASP F 50 7.28 -18.96 27.90
CA ASP F 50 7.16 -20.40 27.88
C ASP F 50 8.06 -20.96 28.98
N MSE F 51 7.46 -21.67 29.93
CA MSE F 51 8.20 -22.23 31.05
C MSE F 51 9.15 -23.36 30.66
O MSE F 51 10.05 -23.69 31.43
CB MSE F 51 7.23 -22.77 32.11
CG MSE F 51 6.33 -21.70 32.75
SE MSE F 51 7.30 -20.45 33.85
CE MSE F 51 7.61 -19.11 32.52
N ASP F 52 8.97 -23.92 29.47
CA ASP F 52 9.82 -25.02 29.02
C ASP F 52 11.00 -24.63 28.12
N SER F 53 11.02 -23.39 27.67
CA SER F 53 12.11 -22.92 26.81
C SER F 53 12.64 -21.60 27.32
N GLY F 54 11.80 -20.88 28.07
CA GLY F 54 12.19 -19.60 28.63
C GLY F 54 11.80 -18.42 27.75
N THR F 55 11.48 -18.71 26.50
CA THR F 55 11.11 -17.67 25.53
C THR F 55 9.93 -16.80 25.93
N VAL F 56 10.09 -15.49 25.74
CA VAL F 56 9.03 -14.54 26.02
C VAL F 56 8.10 -14.63 24.80
N LEU F 57 6.86 -15.03 25.04
CA LEU F 57 5.87 -15.20 23.98
C LEU F 57 5.12 -13.94 23.63
N PHE F 58 5.05 -13.01 24.58
CA PHE F 58 4.28 -11.80 24.37
C PHE F 58 4.55 -10.82 25.51
N GLU F 59 4.45 -9.52 25.22
CA GLU F 59 4.68 -8.51 26.25
C GLU F 59 4.16 -7.14 25.84
N ILE F 60 3.54 -6.45 26.80
CA ILE F 60 3.02 -5.12 26.58
C ILE F 60 3.19 -4.31 27.85
N LYS F 61 3.57 -3.05 27.70
CA LYS F 61 3.78 -2.15 28.82
C LYS F 61 3.04 -0.84 28.58
N LYS F 62 2.87 -0.07 29.66
CA LYS F 62 2.24 1.23 29.58
C LYS F 62 2.58 2.01 30.84
N PRO F 63 2.74 3.33 30.72
CA PRO F 63 3.07 4.21 31.83
C PRO F 63 2.18 3.99 33.05
N GLY F 81 -6.43 -2.22 27.74
CA GLY F 81 -7.86 -2.00 27.83
C GLY F 81 -8.63 -3.25 28.23
N ARG F 82 -9.96 -3.17 28.14
CA ARG F 82 -10.81 -4.29 28.53
C ARG F 82 -10.86 -5.42 27.51
N PHE F 83 -10.32 -5.22 26.32
CA PHE F 83 -10.34 -6.28 25.31
C PHE F 83 -9.03 -6.40 24.54
N VAL F 84 -8.58 -7.63 24.38
CA VAL F 84 -7.37 -7.89 23.64
C VAL F 84 -7.60 -9.06 22.69
N ARG F 85 -7.14 -8.90 21.45
CA ARG F 85 -7.25 -9.95 20.45
C ARG F 85 -5.85 -10.47 20.21
N TYR F 86 -5.65 -11.76 20.46
CA TYR F 86 -4.35 -12.37 20.30
C TYR F 86 -4.20 -13.13 18.99
N GLN F 87 -3.03 -12.98 18.38
CA GLN F 87 -2.72 -13.65 17.13
C GLN F 87 -1.53 -14.56 17.44
N PHE F 88 -1.80 -15.84 17.68
CA PHE F 88 -0.72 -16.77 17.97
C PHE F 88 -0.54 -17.74 16.80
N THR F 89 0.23 -18.80 17.04
CA THR F 89 0.46 -19.81 16.02
C THR F 89 0.01 -21.16 16.57
N PRO F 90 -0.07 -22.18 15.71
CA PRO F 90 -0.49 -23.52 16.11
C PRO F 90 0.41 -24.11 17.19
N ALA F 91 1.63 -23.60 17.29
CA ALA F 91 2.59 -24.07 18.28
C ALA F 91 2.16 -23.70 19.69
N PHE F 92 1.47 -22.56 19.81
CA PHE F 92 1.00 -22.08 21.10
C PHE F 92 0.11 -23.12 21.75
N LEU F 93 -0.68 -23.82 20.94
CA LEU F 93 -1.59 -24.84 21.44
C LEU F 93 -0.90 -26.08 21.97
N ARG F 94 0.42 -26.16 21.80
CA ARG F 94 1.16 -27.31 22.29
C ARG F 94 2.08 -26.96 23.45
N LEU F 95 1.83 -25.82 24.07
CA LEU F 95 2.59 -25.39 25.24
C LEU F 95 1.99 -26.13 26.43
N ARG F 96 2.84 -26.46 27.41
CA ARG F 96 2.39 -27.18 28.59
C ARG F 96 2.16 -26.22 29.76
N GLN F 97 3.11 -25.32 29.96
CA GLN F 97 3.04 -24.37 31.05
C GLN F 97 3.66 -23.03 30.68
N VAL F 98 2.94 -21.95 30.97
CA VAL F 98 3.44 -20.62 30.68
C VAL F 98 3.41 -19.77 31.94
N GLY F 99 4.31 -18.81 32.03
CA GLY F 99 4.35 -17.94 33.20
C GLY F 99 4.05 -16.51 32.78
N ALA F 100 3.11 -15.88 33.46
CA ALA F 100 2.73 -14.52 33.16
C ALA F 100 3.14 -13.57 34.28
N THR F 101 4.01 -12.61 33.96
CA THR F 101 4.44 -11.62 34.93
C THR F 101 3.53 -10.42 34.77
N VAL F 102 2.91 -10.00 35.87
CA VAL F 102 1.99 -8.87 35.81
C VAL F 102 2.36 -7.78 36.80
N GLU F 103 2.39 -6.54 36.33
CA GLU F 103 2.69 -5.41 37.18
C GLU F 103 1.47 -4.50 37.19
N PHE F 104 1.15 -3.98 38.36
CA PHE F 104 -0.02 -3.12 38.49
C PHE F 104 0.12 -2.15 39.65
N THR F 105 -0.58 -1.02 39.55
CA THR F 105 -0.55 -0.02 40.60
C THR F 105 -1.87 -0.06 41.36
N VAL F 106 -1.84 0.40 42.61
CA VAL F 106 -3.02 0.40 43.45
C VAL F 106 -3.27 1.79 44.03
N GLY F 107 -4.53 2.10 44.33
CA GLY F 107 -4.86 3.39 44.90
C GLY F 107 -4.55 3.45 46.38
N ASP F 108 -5.08 4.44 47.07
CA ASP F 108 -4.86 4.62 48.50
C ASP F 108 -5.68 3.65 49.32
N LYS F 109 -6.72 3.08 48.71
CA LYS F 109 -7.57 2.13 49.41
C LYS F 109 -6.83 0.82 49.58
N PRO F 110 -6.89 0.22 50.77
CA PRO F 110 -6.21 -1.04 51.01
C PRO F 110 -6.88 -2.15 50.20
N VAL F 111 -6.07 -2.96 49.53
CA VAL F 111 -6.60 -4.06 48.74
C VAL F 111 -6.29 -5.37 49.43
N ASN F 112 -7.34 -6.07 49.84
CA ASN F 112 -7.19 -7.35 50.50
C ASN F 112 -7.97 -8.40 49.72
N ASN F 113 -7.42 -9.61 49.63
CA ASN F 113 -8.11 -10.70 48.94
C ASN F 113 -8.25 -10.41 47.44
N PHE F 114 -7.16 -9.99 46.82
CA PHE F 114 -7.17 -9.71 45.39
C PHE F 114 -7.03 -11.07 44.68
N ARG F 115 -8.03 -11.40 43.88
CA ARG F 115 -8.09 -12.70 43.20
C ARG F 115 -8.63 -12.58 41.78
N MSE F 116 -8.07 -13.39 40.87
CA MSE F 116 -8.52 -13.41 39.48
C MSE F 116 -8.94 -14.81 39.05
O MSE F 116 -8.22 -15.78 39.27
CB MSE F 116 -7.41 -12.93 38.52
CG MSE F 116 -7.83 -13.07 37.05
SE MSE F 116 -6.47 -12.63 35.73
CE MSE F 116 -5.40 -14.24 35.83
N ILE F 117 -10.11 -14.90 38.43
CA ILE F 117 -10.59 -16.17 37.91
C ILE F 117 -10.70 -15.95 36.40
N GLU F 118 -9.90 -16.70 35.65
CA GLU F 118 -9.86 -16.60 34.19
C GLU F 118 -10.34 -17.88 33.51
N ARG F 119 -11.39 -17.75 32.72
CA ARG F 119 -11.98 -18.90 32.05
C ARG F 119 -11.88 -18.83 30.53
N HIS F 120 -11.40 -19.94 29.95
CA HIS F 120 -11.20 -20.05 28.50
C HIS F 120 -12.21 -21.02 27.90
N TYR F 121 -12.79 -20.63 26.76
CA TYR F 121 -13.77 -21.47 26.09
C TYR F 121 -13.52 -21.54 24.59
N PHE F 122 -13.91 -22.66 23.98
CA PHE F 122 -13.84 -22.77 22.54
C PHE F 122 -15.28 -23.12 22.15
N ARG F 123 -15.97 -22.18 21.51
CA ARG F 123 -17.35 -22.40 21.07
C ARG F 123 -18.29 -22.95 22.12
N ASN F 124 -18.46 -22.25 23.23
CA ASN F 124 -19.37 -22.72 24.29
C ASN F 124 -18.88 -23.94 25.06
N GLN F 125 -17.64 -24.35 24.80
CA GLN F 125 -17.08 -25.47 25.56
C GLN F 125 -15.94 -24.96 26.42
N LEU F 126 -16.08 -25.10 27.73
CA LEU F 126 -15.05 -24.68 28.67
C LEU F 126 -13.78 -25.50 28.47
N LEU F 127 -12.65 -24.82 28.27
CA LEU F 127 -11.38 -25.49 28.10
C LEU F 127 -10.70 -25.61 29.45
N LYS F 128 -10.58 -24.50 30.15
CA LYS F 128 -9.95 -24.48 31.47
C LYS F 128 -10.23 -23.18 32.20
N SER F 129 -10.27 -23.27 33.53
CA SER F 129 -10.48 -22.10 34.37
C SER F 129 -9.27 -22.02 35.30
N PHE F 130 -8.72 -20.81 35.44
CA PHE F 130 -7.57 -20.61 36.31
C PHE F 130 -8.02 -19.70 37.44
N ASP F 131 -7.54 -19.99 38.65
CA ASP F 131 -7.93 -19.23 39.83
C ASP F 131 -6.66 -18.82 40.57
N PHE F 132 -6.33 -17.53 40.51
CA PHE F 132 -5.12 -17.02 41.14
C PHE F 132 -5.43 -16.03 42.25
N HIS F 133 -4.60 -16.06 43.30
CA HIS F 133 -4.74 -15.15 44.43
C HIS F 133 -3.47 -14.32 44.44
N PHE F 134 -3.64 -13.00 44.36
CA PHE F 134 -2.49 -12.11 44.37
C PHE F 134 -1.92 -12.05 45.79
N GLY F 135 -0.61 -11.82 45.88
CA GLY F 135 0.03 -11.72 47.19
C GLY F 135 -0.39 -10.42 47.85
N PHE F 136 0.28 -10.04 48.93
CA PHE F 136 -0.07 -8.79 49.59
C PHE F 136 0.14 -7.63 48.62
N CYS F 137 -0.83 -6.71 48.59
CA CYS F 137 -0.75 -5.55 47.70
C CYS F 137 -0.46 -4.27 48.50
N ILE F 138 0.69 -3.67 48.23
CA ILE F 138 1.11 -2.44 48.90
C ILE F 138 0.31 -1.26 48.35
N PRO F 139 -0.39 -0.53 49.22
CA PRO F 139 -1.19 0.63 48.79
C PRO F 139 -0.37 1.70 48.09
N SER F 140 -1.04 2.49 47.24
CA SER F 140 -0.41 3.59 46.53
C SER F 140 0.94 3.28 45.88
N SER F 141 1.11 2.08 45.34
CA SER F 141 2.39 1.77 44.71
C SER F 141 2.30 0.65 43.67
N LYS F 142 3.43 0.38 43.03
CA LYS F 142 3.51 -0.66 42.00
C LYS F 142 3.72 -2.04 42.61
N ASN F 143 2.87 -2.98 42.22
CA ASN F 143 2.94 -4.35 42.71
C ASN F 143 3.23 -5.30 41.56
N THR F 144 3.86 -6.44 41.86
CA THR F 144 4.16 -7.43 40.84
C THR F 144 3.66 -8.81 41.29
N CYS F 145 3.28 -9.63 40.31
CA CYS F 145 2.79 -10.97 40.59
C CYS F 145 3.15 -11.89 39.44
N GLU F 146 3.33 -13.17 39.74
CA GLU F 146 3.65 -14.14 38.70
C GLU F 146 2.66 -15.29 38.74
N HIS F 147 1.96 -15.51 37.63
CA HIS F 147 0.97 -16.58 37.54
C HIS F 147 1.49 -17.70 36.66
N ILE F 148 1.31 -18.94 37.10
CA ILE F 148 1.73 -20.10 36.33
C ILE F 148 0.49 -20.76 35.72
N TYR F 149 0.46 -20.87 34.39
CA TYR F 149 -0.67 -21.48 33.70
C TYR F 149 -0.33 -22.89 33.23
N ASP F 150 -1.03 -23.88 33.77
CA ASP F 150 -0.85 -25.26 33.33
C ASP F 150 -1.98 -25.54 32.37
N PHE F 151 -1.65 -25.65 31.08
CA PHE F 151 -2.65 -25.88 30.04
C PHE F 151 -3.30 -27.24 30.09
N PRO F 152 -4.60 -27.28 29.74
CA PRO F 152 -5.33 -28.55 29.74
C PRO F 152 -4.88 -29.39 28.54
N PRO F 153 -4.84 -30.71 28.70
CA PRO F 153 -4.42 -31.56 27.58
C PRO F 153 -5.52 -31.52 26.51
N LEU F 154 -5.20 -30.93 25.36
CA LEU F 154 -6.16 -30.80 24.27
C LEU F 154 -6.07 -31.96 23.28
N SER F 155 -7.21 -32.51 22.89
CA SER F 155 -7.22 -33.60 21.93
C SER F 155 -6.75 -33.04 20.59
N GLU F 156 -6.28 -33.91 19.71
CA GLU F 156 -5.82 -33.49 18.39
C GLU F 156 -6.99 -32.91 17.59
N GLU F 157 -8.16 -33.51 17.76
CA GLU F 157 -9.35 -33.03 17.07
C GLU F 157 -9.67 -31.59 17.46
N LEU F 158 -9.57 -31.30 18.74
CA LEU F 158 -9.88 -29.96 19.25
C LEU F 158 -8.87 -28.92 18.76
N ILE F 159 -7.59 -29.29 18.73
CA ILE F 159 -6.56 -28.38 18.27
C ILE F 159 -6.79 -28.00 16.81
N SER F 160 -7.25 -28.96 16.01
CA SER F 160 -7.54 -28.72 14.60
C SER F 160 -8.67 -27.72 14.46
N GLU F 161 -9.76 -27.96 15.19
CA GLU F 161 -10.91 -27.07 15.16
C GLU F 161 -10.48 -25.68 15.60
N MSE F 162 -9.75 -25.60 16.70
CA MSE F 162 -9.29 -24.32 17.20
C MSE F 162 -8.43 -23.58 16.18
O MSE F 162 -8.43 -22.35 16.15
CB MSE F 162 -8.52 -24.52 18.51
CG MSE F 162 -9.42 -24.86 19.68
SE MSE F 162 -8.44 -25.25 21.29
CE MSE F 162 -8.06 -23.43 21.86
N ILE F 163 -7.70 -24.33 15.37
CA ILE F 163 -6.86 -23.73 14.34
C ILE F 163 -7.73 -23.28 13.16
N ARG F 164 -8.68 -24.14 12.77
CA ARG F 164 -9.57 -23.83 11.66
C ARG F 164 -10.59 -22.75 11.98
N HIS F 165 -10.72 -22.37 13.25
CA HIS F 165 -11.71 -21.37 13.62
C HIS F 165 -11.20 -20.23 14.50
N PRO F 166 -10.45 -19.28 13.91
CA PRO F 166 -9.91 -18.14 14.65
C PRO F 166 -10.99 -17.29 15.34
N TYR F 167 -10.63 -16.77 16.52
CA TYR F 167 -11.49 -15.90 17.30
C TYR F 167 -12.67 -16.58 17.96
N GLU F 168 -12.81 -17.89 17.78
CA GLU F 168 -13.90 -18.60 18.42
C GLU F 168 -13.44 -19.16 19.77
N THR F 169 -12.16 -18.99 20.06
CA THR F 169 -11.60 -19.37 21.35
C THR F 169 -11.58 -18.00 22.05
N GLN F 170 -12.30 -17.90 23.17
CA GLN F 170 -12.38 -16.63 23.91
C GLN F 170 -12.21 -16.83 25.42
N SER F 171 -11.85 -15.76 26.13
CA SER F 171 -11.70 -15.83 27.57
C SER F 171 -12.30 -14.65 28.32
N ASP F 172 -12.63 -14.89 29.58
CA ASP F 172 -13.19 -13.90 30.49
C ASP F 172 -12.24 -13.85 31.69
N SER F 173 -11.80 -12.65 32.07
CA SER F 173 -10.91 -12.51 33.22
C SER F 173 -11.67 -11.71 34.27
N PHE F 174 -12.06 -12.39 35.35
CA PHE F 174 -12.81 -11.76 36.43
C PHE F 174 -11.90 -11.45 37.59
N TYR F 175 -11.92 -10.20 38.04
CA TYR F 175 -11.07 -9.75 39.14
C TYR F 175 -11.92 -9.40 40.35
N PHE F 176 -11.53 -9.93 41.50
CA PHE F 176 -12.27 -9.67 42.73
C PHE F 176 -11.40 -9.12 43.85
N VAL F 177 -12.02 -8.29 44.70
CA VAL F 177 -11.37 -7.73 45.87
C VAL F 177 -12.41 -7.92 46.96
N ASP F 178 -12.03 -8.63 48.02
CA ASP F 178 -12.94 -8.91 49.12
C ASP F 178 -14.22 -9.57 48.59
N ASP F 179 -14.04 -10.52 47.68
CA ASP F 179 -15.17 -11.25 47.08
C ASP F 179 -16.15 -10.42 46.27
N ARG F 180 -15.70 -9.28 45.75
CA ARG F 180 -16.54 -8.43 44.93
C ARG F 180 -15.85 -8.17 43.58
N LEU F 181 -16.60 -8.29 42.50
CA LEU F 181 -16.04 -8.06 41.17
C LEU F 181 -15.71 -6.59 41.00
N VAL F 182 -14.46 -6.30 40.65
CA VAL F 182 -14.05 -4.92 40.45
C VAL F 182 -13.58 -4.66 39.02
N MSE F 183 -13.25 -5.74 38.31
CA MSE F 183 -12.79 -5.64 36.92
C MSE F 183 -13.16 -6.90 36.13
O MSE F 183 -13.28 -7.98 36.70
CB MSE F 183 -11.27 -5.49 36.86
CG MSE F 183 -10.73 -4.16 37.38
SE MSE F 183 -8.79 -4.20 37.43
CE MSE F 183 -8.44 -4.56 35.56
N HIS F 184 -13.34 -6.73 34.82
CA HIS F 184 -13.68 -7.84 33.93
C HIS F 184 -13.12 -7.54 32.54
N ASN F 185 -12.07 -8.26 32.15
CA ASN F 185 -11.47 -8.08 30.84
C ASN F 185 -11.82 -9.28 29.97
N LYS F 186 -11.82 -9.06 28.65
CA LYS F 186 -12.13 -10.13 27.71
C LYS F 186 -11.04 -10.24 26.66
N ALA F 187 -10.99 -11.38 26.00
CA ALA F 187 -10.01 -11.62 24.97
C ALA F 187 -10.44 -12.76 24.06
N ASP F 188 -9.96 -12.75 22.83
CA ASP F 188 -10.24 -13.88 21.96
C ASP F 188 -8.93 -14.19 21.25
N TYR F 189 -8.83 -15.40 20.74
CA TYR F 189 -7.59 -15.86 20.18
C TYR F 189 -7.67 -16.48 18.80
N SER F 190 -6.58 -16.34 18.06
CA SER F 190 -6.44 -16.91 16.73
C SER F 190 -5.14 -17.68 16.76
N TYR F 191 -5.14 -18.90 16.24
CA TYR F 191 -3.94 -19.73 16.24
C TYR F 191 -3.46 -19.98 14.81
N SER F 192 -3.78 -19.03 13.93
CA SER F 192 -3.38 -19.12 12.53
C SER F 192 -2.01 -18.48 12.35
N GLY F 193 -1.21 -19.02 11.44
CA GLY F 193 0.11 -18.47 11.19
C GLY F 193 1.25 -19.36 11.68
N THR F 194 2.48 -18.88 11.53
CA THR F 194 3.65 -19.62 11.96
C THR F 194 4.79 -18.67 12.29
OH2 UNL G . 16.96 0.01 0.45
OH2 UNL H . 15.33 1.42 -0.85
OH2 UNL I . 12.45 -0.69 3.84
OH2 UNL J . 10.32 -2.40 3.86
OH2 UNL K . 10.26 0.19 4.66
OH2 UNL L . 14.56 -2.44 5.51
OH2 UNL M . 10.87 15.03 27.40
OH2 UNL N . 13.68 16.69 28.37
OH2 UNL O . 16.77 18.63 28.20
OH2 UNL P . 17.95 17.47 30.12
OH2 UNL Q . -11.52 -9.61 -1.99
OH2 UNL R . -9.92 -11.63 -1.65
OH2 UNL S . -10.89 -17.15 -5.74
OH2 UNL T . -12.81 -13.58 -6.67
OH2 UNL U . 4.77 -2.49 -30.43
OH2 UNL V . 7.09 -1.94 -30.16
OH2 UNL W . 4.26 -4.90 -30.12
OH2 UNL X . 3.02 -3.07 -32.29
OH2 UNL Y . 4.21 -10.47 -31.99
OH2 UNL Z . 2.87 -10.50 -29.78
OH2 UNL AA . -21.03 9.75 -25.94
OH2 UNL BA . -23.87 9.26 -27.36
OH2 UNL CA . -28.15 4.84 -29.17
OH2 UNL DA . -28.14 7.07 -28.04
OH2 UNL EA . -30.55 4.97 -29.99
OH2 UNL FA . -26.13 3.91 -30.74
OH2 UNL GA . -3.08 -16.69 29.03
OH2 UNL HA . -4.45 -14.59 28.68
OH2 UNL IA . -6.18 -11.09 28.78
OH2 UNL JA . -7.02 -9.55 31.99
#